data_2LWL
#
_entry.id   2LWL
#
_entity_poly.entity_id   1
_entity_poly.type   'polypeptide(L)'
_entity_poly.pdbx_seq_one_letter_code
;GSHMFFDEKCNKLKGTCKNNCGKNEELIALCQKSLKCCRTIQPSGSIID
;
_entity_poly.pdbx_strand_id   A
#
# COMPACT_ATOMS: atom_id res chain seq x y z
N PHE A 5 9.56 7.33 -6.45
CA PHE A 5 9.58 6.25 -7.47
C PHE A 5 9.02 4.95 -6.91
N PHE A 6 9.44 4.57 -5.71
CA PHE A 6 8.99 3.31 -5.10
C PHE A 6 7.47 3.23 -5.01
N ASP A 7 6.88 4.09 -4.20
CA ASP A 7 5.43 4.06 -4.02
C ASP A 7 4.73 4.82 -5.12
N GLU A 8 5.50 5.34 -6.06
CA GLU A 8 4.95 5.83 -7.30
C GLU A 8 4.47 4.63 -8.09
N LYS A 9 5.27 3.57 -8.02
CA LYS A 9 4.90 2.30 -8.60
C LYS A 9 3.80 1.67 -7.78
N CYS A 10 3.80 1.95 -6.47
CA CYS A 10 2.70 1.51 -5.60
C CYS A 10 1.40 2.17 -6.02
N ASN A 11 1.48 3.43 -6.44
CA ASN A 11 0.31 4.16 -6.93
C ASN A 11 -0.26 3.42 -8.14
N LYS A 12 0.63 2.94 -8.99
CA LYS A 12 0.24 2.13 -10.15
C LYS A 12 -0.41 0.81 -9.68
N LEU A 13 0.12 0.25 -8.60
CA LEU A 13 -0.43 -0.96 -7.99
C LEU A 13 -1.65 -0.63 -7.13
N LYS A 14 -2.03 0.64 -7.15
CA LYS A 14 -3.24 1.13 -6.49
C LYS A 14 -3.12 1.11 -4.98
N GLY A 15 -1.90 1.31 -4.50
CA GLY A 15 -1.67 1.42 -3.07
C GLY A 15 -1.83 2.85 -2.60
N THR A 16 -2.65 3.05 -1.59
CA THR A 16 -2.93 4.39 -1.09
C THR A 16 -2.03 4.76 0.07
N CYS A 17 -1.46 5.95 0.03
CA CYS A 17 -0.60 6.42 1.11
C CYS A 17 -1.44 6.95 2.26
N LYS A 18 -1.47 6.18 3.35
CA LYS A 18 -2.21 6.58 4.54
C LYS A 18 -1.28 6.51 5.75
N ASN A 19 -1.74 7.02 6.88
CA ASN A 19 -0.90 7.02 8.07
C ASN A 19 -0.83 5.62 8.66
N ASN A 20 -2.00 5.08 9.01
CA ASN A 20 -2.08 3.74 9.57
C ASN A 20 -2.84 2.84 8.60
N CYS A 21 -2.34 1.61 8.43
CA CYS A 21 -2.91 0.67 7.47
C CYS A 21 -4.26 0.16 7.97
N GLY A 22 -5.22 0.10 7.06
CA GLY A 22 -6.56 -0.31 7.41
C GLY A 22 -6.83 -1.78 7.15
N LYS A 23 -8.11 -2.10 6.98
CA LYS A 23 -8.58 -3.47 6.74
C LYS A 23 -7.71 -4.22 5.73
N ASN A 24 -7.02 -5.26 6.22
CA ASN A 24 -6.20 -6.13 5.38
C ASN A 24 -5.11 -5.36 4.63
N GLU A 25 -4.82 -4.15 5.07
CA GLU A 25 -3.83 -3.32 4.42
C GLU A 25 -2.48 -3.46 5.10
N GLU A 26 -1.43 -3.53 4.30
CA GLU A 26 -0.08 -3.64 4.81
C GLU A 26 0.79 -2.49 4.31
N LEU A 27 1.83 -2.20 5.07
CA LEU A 27 2.77 -1.13 4.73
C LEU A 27 3.77 -1.66 3.71
N ILE A 28 3.77 -1.09 2.53
CA ILE A 28 4.59 -1.60 1.45
C ILE A 28 5.68 -0.60 1.05
N ALA A 29 5.48 0.67 1.39
CA ALA A 29 6.44 1.70 1.05
C ALA A 29 6.27 2.92 1.94
N LEU A 30 7.38 3.59 2.19
CA LEU A 30 7.39 4.76 3.04
C LEU A 30 7.35 6.03 2.22
N CYS A 31 6.31 6.81 2.40
CA CYS A 31 6.12 8.04 1.64
C CYS A 31 6.60 9.25 2.47
N GLN A 32 6.50 10.43 1.89
CA GLN A 32 6.84 11.65 2.60
C GLN A 32 5.64 12.11 3.42
N LYS A 33 5.85 13.12 4.26
CA LYS A 33 4.79 13.69 5.09
C LYS A 33 4.27 12.66 6.10
N SER A 34 5.05 11.59 6.28
CA SER A 34 4.74 10.52 7.22
C SER A 34 3.61 9.61 6.72
N LEU A 35 3.26 9.71 5.45
CA LEU A 35 2.33 8.78 4.85
C LEU A 35 3.05 7.48 4.48
N LYS A 36 2.33 6.38 4.46
CA LYS A 36 2.89 5.11 4.06
C LYS A 36 1.98 4.47 3.01
N CYS A 37 2.58 3.93 1.95
CA CYS A 37 1.77 3.32 0.91
C CYS A 37 1.25 1.97 1.38
N CYS A 38 -0.04 1.93 1.64
CA CYS A 38 -0.67 0.74 2.15
C CYS A 38 -1.57 0.13 1.08
N ARG A 39 -1.37 -1.16 0.84
CA ARG A 39 -2.15 -1.86 -0.17
C ARG A 39 -3.31 -2.60 0.49
N THR A 40 -4.49 -2.43 -0.08
CA THR A 40 -5.68 -3.13 0.38
C THR A 40 -5.67 -4.56 -0.14
N ILE A 41 -5.06 -5.45 0.63
CA ILE A 41 -4.85 -6.81 0.22
C ILE A 41 -6.15 -7.62 0.22
N GLN A 42 -6.28 -8.52 -0.74
CA GLN A 42 -7.44 -9.38 -0.83
C GLN A 42 -7.29 -10.58 0.12
N PRO A 43 -8.31 -10.84 0.97
CA PRO A 43 -8.32 -11.97 1.88
C PRO A 43 -8.75 -13.26 1.18
N SER A 44 -8.94 -14.32 1.98
CA SER A 44 -9.37 -15.64 1.50
C SER A 44 -8.19 -16.42 0.93
N GLY A 45 -7.42 -15.77 0.09
CA GLY A 45 -6.24 -16.40 -0.49
C GLY A 45 -4.98 -15.94 0.21
N SER A 46 -3.84 -16.49 -0.20
CA SER A 46 -2.55 -16.12 0.39
C SER A 46 -2.14 -14.72 -0.04
N ILE A 47 -2.76 -13.75 0.60
CA ILE A 47 -2.45 -12.33 0.43
C ILE A 47 -2.13 -11.95 -1.01
N ILE A 48 -0.88 -11.54 -1.27
CA ILE A 48 -0.46 -11.16 -2.59
C ILE A 48 0.88 -11.80 -2.94
N ASP A 49 1.30 -12.74 -2.11
CA ASP A 49 2.60 -13.36 -2.29
C ASP A 49 2.50 -14.86 -2.09
N PHE A 5 9.26 8.41 -7.42
CA PHE A 5 9.91 7.09 -7.21
C PHE A 5 9.10 6.24 -6.24
N PHE A 6 9.05 6.65 -4.98
CA PHE A 6 8.39 5.87 -3.94
C PHE A 6 6.94 5.55 -4.29
N ASP A 7 6.16 6.58 -4.57
CA ASP A 7 4.76 6.36 -4.88
C ASP A 7 4.55 6.09 -6.36
N GLU A 8 5.64 6.06 -7.12
CA GLU A 8 5.59 5.58 -8.49
C GLU A 8 5.42 4.08 -8.43
N LYS A 9 6.11 3.49 -7.46
CA LYS A 9 5.94 2.09 -7.11
C LYS A 9 4.54 1.88 -6.54
N CYS A 10 4.12 2.82 -5.69
CA CYS A 10 2.79 2.76 -5.07
C CYS A 10 1.70 2.71 -6.15
N ASN A 11 1.88 3.52 -7.18
CA ASN A 11 0.93 3.58 -8.29
C ASN A 11 0.82 2.21 -8.96
N LYS A 12 1.98 1.59 -9.19
CA LYS A 12 2.03 0.26 -9.80
C LYS A 12 1.25 -0.76 -8.98
N LEU A 13 1.42 -0.72 -7.66
CA LEU A 13 0.72 -1.65 -6.78
C LEU A 13 -0.68 -1.18 -6.45
N LYS A 14 -1.04 -0.01 -6.97
CA LYS A 14 -2.37 0.56 -6.80
C LYS A 14 -2.68 0.79 -5.33
N GLY A 15 -1.68 1.24 -4.59
CA GLY A 15 -1.84 1.45 -3.16
C GLY A 15 -2.13 2.90 -2.84
N THR A 16 -2.41 3.17 -1.57
CA THR A 16 -2.70 4.51 -1.11
C THR A 16 -1.84 4.87 0.09
N CYS A 17 -1.25 6.06 0.06
CA CYS A 17 -0.39 6.50 1.16
C CYS A 17 -1.25 7.00 2.32
N LYS A 18 -1.27 6.23 3.39
CA LYS A 18 -2.00 6.59 4.59
C LYS A 18 -1.12 6.37 5.82
N ASN A 19 -1.60 6.77 6.98
CA ASN A 19 -0.83 6.64 8.19
C ASN A 19 -1.07 5.29 8.86
N ASN A 20 -2.34 4.97 9.10
CA ASN A 20 -2.68 3.70 9.75
C ASN A 20 -3.37 2.78 8.76
N CYS A 21 -2.90 1.54 8.68
CA CYS A 21 -3.42 0.56 7.73
C CYS A 21 -4.81 0.10 8.13
N GLY A 22 -5.70 0.03 7.16
CA GLY A 22 -7.06 -0.39 7.41
C GLY A 22 -7.21 -1.90 7.30
N LYS A 23 -8.45 -2.34 7.07
CA LYS A 23 -8.76 -3.76 7.00
C LYS A 23 -7.87 -4.52 6.00
N ASN A 24 -7.01 -5.37 6.55
CA ASN A 24 -6.11 -6.23 5.77
C ASN A 24 -5.26 -5.39 4.82
N GLU A 25 -4.59 -4.38 5.36
CA GLU A 25 -3.70 -3.53 4.58
C GLU A 25 -2.28 -3.61 5.13
N GLU A 26 -1.30 -3.57 4.24
CA GLU A 26 0.09 -3.66 4.65
C GLU A 26 0.87 -2.41 4.25
N LEU A 27 1.95 -2.15 4.97
CA LEU A 27 2.80 -0.99 4.68
C LEU A 27 3.91 -1.40 3.72
N ILE A 28 3.80 -0.94 2.50
CA ILE A 28 4.59 -1.47 1.39
C ILE A 28 5.64 -0.47 0.92
N ALA A 29 5.44 0.81 1.24
CA ALA A 29 6.40 1.84 0.83
C ALA A 29 6.25 3.07 1.71
N LEU A 30 7.25 3.93 1.66
CA LEU A 30 7.26 5.12 2.48
C LEU A 30 7.19 6.36 1.59
N CYS A 31 6.33 7.26 1.98
CA CYS A 31 6.07 8.46 1.23
C CYS A 31 6.40 9.70 2.06
N GLN A 32 6.20 10.87 1.46
CA GLN A 32 6.47 12.12 2.16
C GLN A 32 5.38 12.40 3.19
N LYS A 33 5.62 13.39 4.04
CA LYS A 33 4.70 13.73 5.13
C LYS A 33 4.62 12.60 6.16
N SER A 34 5.55 11.65 6.05
CA SER A 34 5.63 10.48 6.92
C SER A 34 4.55 9.45 6.59
N LEU A 35 3.88 9.62 5.45
CA LEU A 35 2.88 8.67 4.98
C LEU A 35 3.54 7.41 4.46
N LYS A 36 2.83 6.30 4.50
CA LYS A 36 3.32 5.06 3.90
C LYS A 36 2.24 4.44 3.02
N CYS A 37 2.66 3.69 2.03
CA CYS A 37 1.74 3.10 1.07
C CYS A 37 1.11 1.84 1.63
N CYS A 38 -0.20 1.85 1.77
CA CYS A 38 -0.93 0.68 2.19
C CYS A 38 -1.59 0.03 0.99
N ARG A 39 -1.39 -1.27 0.85
CA ARG A 39 -2.07 -2.03 -0.19
C ARG A 39 -3.23 -2.78 0.44
N THR A 40 -4.42 -2.54 -0.11
CA THR A 40 -5.64 -3.17 0.39
C THR A 40 -5.74 -4.59 -0.13
N ILE A 41 -5.23 -5.52 0.68
CA ILE A 41 -5.15 -6.91 0.29
C ILE A 41 -6.52 -7.55 0.18
N GLN A 42 -6.81 -8.08 -1.00
CA GLN A 42 -8.08 -8.74 -1.27
C GLN A 42 -8.02 -10.21 -0.83
N PRO A 43 -9.07 -10.69 -0.16
CA PRO A 43 -9.14 -12.09 0.26
C PRO A 43 -9.15 -13.02 -0.95
N SER A 44 -8.18 -13.93 -1.01
CA SER A 44 -8.02 -14.88 -2.12
C SER A 44 -7.51 -14.18 -3.38
N GLY A 45 -7.25 -12.89 -3.25
CA GLY A 45 -6.72 -12.12 -4.37
C GLY A 45 -5.31 -12.53 -4.73
N SER A 46 -4.96 -12.37 -5.99
CA SER A 46 -3.64 -12.76 -6.47
C SER A 46 -2.59 -11.73 -6.07
N ILE A 47 -1.32 -12.05 -6.32
CA ILE A 47 -0.19 -11.14 -6.08
C ILE A 47 0.19 -11.09 -4.60
N ILE A 48 -0.68 -11.57 -3.74
CA ILE A 48 -0.47 -11.42 -2.30
C ILE A 48 -0.94 -12.63 -1.49
N ASP A 49 -2.17 -13.05 -1.73
CA ASP A 49 -2.77 -14.13 -0.95
C ASP A 49 -2.22 -15.48 -1.40
N PHE A 5 6.77 10.15 -7.97
CA PHE A 5 6.45 9.15 -9.01
C PHE A 5 6.62 7.73 -8.48
N PHE A 6 7.51 7.56 -7.50
CA PHE A 6 7.78 6.24 -6.93
C PHE A 6 6.50 5.63 -6.37
N ASP A 7 5.90 6.31 -5.40
CA ASP A 7 4.70 5.79 -4.76
C ASP A 7 3.47 6.11 -5.57
N GLU A 8 3.65 6.82 -6.66
CA GLU A 8 2.59 7.01 -7.62
C GLU A 8 2.32 5.67 -8.30
N LYS A 9 3.41 4.97 -8.61
CA LYS A 9 3.31 3.63 -9.14
C LYS A 9 2.91 2.67 -8.01
N CYS A 10 3.26 3.01 -6.77
CA CYS A 10 2.81 2.23 -5.63
C CYS A 10 1.29 2.30 -5.54
N ASN A 11 0.74 3.49 -5.76
CA ASN A 11 -0.70 3.70 -5.77
C ASN A 11 -1.34 2.86 -6.87
N LYS A 12 -0.63 2.67 -7.96
CA LYS A 12 -1.08 1.79 -9.04
C LYS A 12 -1.07 0.34 -8.57
N LEU A 13 -0.05 -0.02 -7.78
CA LEU A 13 0.02 -1.34 -7.15
C LEU A 13 -0.85 -1.37 -5.89
N LYS A 14 -1.67 -0.33 -5.76
CA LYS A 14 -2.73 -0.26 -4.75
C LYS A 14 -2.16 -0.04 -3.36
N GLY A 15 -1.02 0.63 -3.30
CA GLY A 15 -0.46 1.04 -2.03
C GLY A 15 -0.68 2.51 -1.80
N THR A 16 -1.84 2.81 -1.27
CA THR A 16 -2.25 4.18 -1.00
C THR A 16 -1.47 4.77 0.15
N CYS A 17 -1.19 6.07 0.08
CA CYS A 17 -0.43 6.73 1.12
C CYS A 17 -1.33 7.07 2.30
N LYS A 18 -1.28 6.24 3.31
CA LYS A 18 -1.96 6.50 4.56
C LYS A 18 -1.02 6.22 5.71
N ASN A 19 -1.35 6.71 6.89
CA ASN A 19 -0.47 6.62 8.03
C ASN A 19 -0.59 5.26 8.69
N ASN A 20 -1.82 4.83 8.88
CA ASN A 20 -2.07 3.54 9.51
C ASN A 20 -2.80 2.61 8.54
N CYS A 21 -2.45 1.34 8.58
CA CYS A 21 -3.02 0.37 7.67
C CYS A 21 -4.41 -0.04 8.13
N GLY A 22 -5.35 -0.04 7.20
CA GLY A 22 -6.72 -0.41 7.49
C GLY A 22 -6.99 -1.87 7.19
N LYS A 23 -8.25 -2.19 6.95
CA LYS A 23 -8.66 -3.56 6.67
C LYS A 23 -7.84 -4.18 5.55
N ASN A 24 -7.28 -5.35 5.81
CA ASN A 24 -6.51 -6.10 4.81
C ASN A 24 -5.35 -5.27 4.25
N GLU A 25 -4.81 -4.34 5.03
CA GLU A 25 -3.75 -3.49 4.51
C GLU A 25 -2.43 -3.74 5.20
N GLU A 26 -1.36 -3.67 4.41
CA GLU A 26 -0.01 -3.86 4.93
C GLU A 26 0.87 -2.66 4.59
N LEU A 27 1.91 -2.45 5.38
CA LEU A 27 2.87 -1.37 5.13
C LEU A 27 3.95 -1.89 4.20
N ILE A 28 4.02 -1.32 3.01
CA ILE A 28 4.90 -1.86 1.98
C ILE A 28 6.01 -0.88 1.63
N ALA A 29 5.82 0.40 1.93
CA ALA A 29 6.81 1.42 1.59
C ALA A 29 6.53 2.70 2.33
N LEU A 30 7.53 3.57 2.34
CA LEU A 30 7.45 4.84 3.01
C LEU A 30 7.20 5.95 1.99
N CYS A 31 6.34 6.89 2.35
CA CYS A 31 6.06 8.03 1.49
C CYS A 31 6.59 9.30 2.15
N GLN A 32 6.46 10.42 1.46
CA GLN A 32 6.78 11.71 2.05
C GLN A 32 5.57 12.22 2.80
N LYS A 33 5.75 13.32 3.51
CA LYS A 33 4.70 13.93 4.32
C LYS A 33 4.32 13.01 5.48
N SER A 34 5.17 12.02 5.72
CA SER A 34 5.02 11.06 6.83
C SER A 34 3.96 9.99 6.55
N LEU A 35 3.47 9.95 5.32
CA LEU A 35 2.54 8.91 4.92
C LEU A 35 3.29 7.64 4.49
N LYS A 36 2.57 6.54 4.36
CA LYS A 36 3.18 5.26 3.96
C LYS A 36 2.34 4.59 2.88
N CYS A 37 2.92 3.62 2.19
CA CYS A 37 2.20 2.88 1.18
C CYS A 37 1.52 1.67 1.81
N CYS A 38 0.21 1.76 1.98
CA CYS A 38 -0.57 0.65 2.49
C CYS A 38 -1.38 0.03 1.35
N ARG A 39 -1.10 -1.23 1.06
CA ARG A 39 -1.81 -1.94 0.01
C ARG A 39 -3.01 -2.67 0.58
N THR A 40 -4.17 -2.46 -0.03
CA THR A 40 -5.37 -3.16 0.37
C THR A 40 -5.40 -4.54 -0.28
N ILE A 41 -5.10 -5.54 0.52
CA ILE A 41 -4.99 -6.92 0.07
C ILE A 41 -6.34 -7.49 -0.29
N GLN A 42 -6.56 -7.68 -1.58
CA GLN A 42 -7.82 -8.18 -2.09
C GLN A 42 -7.67 -9.63 -2.55
N PRO A 43 -8.62 -10.49 -2.15
CA PRO A 43 -8.64 -11.91 -2.56
C PRO A 43 -8.59 -12.05 -4.07
N SER A 44 -7.55 -12.72 -4.57
CA SER A 44 -7.34 -12.90 -5.99
C SER A 44 -6.18 -13.85 -6.24
N GLY A 45 -5.99 -14.25 -7.49
CA GLY A 45 -4.88 -15.11 -7.83
C GLY A 45 -3.62 -14.32 -8.08
N SER A 46 -2.49 -14.80 -7.54
CA SER A 46 -1.21 -14.11 -7.63
C SER A 46 -1.22 -12.83 -6.80
N ILE A 47 -0.11 -12.08 -6.86
CA ILE A 47 0.06 -10.84 -6.08
C ILE A 47 0.29 -11.15 -4.60
N ILE A 48 -0.69 -11.78 -3.97
CA ILE A 48 -0.61 -12.12 -2.57
C ILE A 48 -1.76 -13.04 -2.17
N ASP A 49 -1.51 -13.92 -1.21
CA ASP A 49 -2.53 -14.82 -0.70
C ASP A 49 -2.91 -14.43 0.74
N PHE A 5 8.86 8.02 -7.10
CA PHE A 5 9.26 6.59 -7.10
C PHE A 5 8.43 5.80 -6.09
N PHE A 6 8.29 6.34 -4.87
CA PHE A 6 7.58 5.65 -3.81
C PHE A 6 6.14 5.34 -4.22
N ASP A 7 5.43 6.35 -4.68
CA ASP A 7 4.03 6.17 -5.05
C ASP A 7 3.89 5.67 -6.47
N GLU A 8 5.01 5.52 -7.15
CA GLU A 8 5.02 4.82 -8.43
C GLU A 8 4.72 3.37 -8.16
N LYS A 9 5.32 2.85 -7.09
CA LYS A 9 5.03 1.53 -6.62
C LYS A 9 3.62 1.49 -6.05
N CYS A 10 3.22 2.59 -5.40
CA CYS A 10 1.87 2.71 -4.86
C CYS A 10 0.83 2.57 -5.96
N ASN A 11 1.12 3.18 -7.11
CA ASN A 11 0.25 3.13 -8.28
C ASN A 11 0.06 1.71 -8.74
N LYS A 12 1.18 0.98 -8.82
CA LYS A 12 1.18 -0.42 -9.25
C LYS A 12 0.20 -1.25 -8.41
N LEU A 13 0.22 -1.06 -7.10
CA LEU A 13 -0.62 -1.83 -6.19
C LEU A 13 -1.99 -1.19 -6.04
N LYS A 14 -2.13 0.02 -6.56
CA LYS A 14 -3.34 0.83 -6.38
C LYS A 14 -3.62 1.04 -4.91
N GLY A 15 -2.58 1.41 -4.18
CA GLY A 15 -2.71 1.63 -2.76
C GLY A 15 -2.90 3.08 -2.42
N THR A 16 -3.09 3.38 -1.15
CA THR A 16 -3.28 4.74 -0.69
C THR A 16 -2.31 5.06 0.45
N CYS A 17 -1.61 6.18 0.31
CA CYS A 17 -0.67 6.61 1.34
C CYS A 17 -1.43 7.17 2.53
N LYS A 18 -1.44 6.42 3.61
CA LYS A 18 -2.11 6.81 4.82
C LYS A 18 -1.19 6.61 6.01
N ASN A 19 -1.60 7.03 7.18
CA ASN A 19 -0.75 6.91 8.36
C ASN A 19 -0.80 5.50 8.94
N ASN A 20 -2.01 5.01 9.18
CA ASN A 20 -2.20 3.66 9.68
C ASN A 20 -3.00 2.84 8.67
N CYS A 21 -2.58 1.60 8.45
CA CYS A 21 -3.14 0.78 7.39
C CYS A 21 -4.58 0.40 7.69
N GLY A 22 -5.40 0.40 6.65
CA GLY A 22 -6.81 0.11 6.80
C GLY A 22 -7.08 -1.38 6.81
N LYS A 23 -8.32 -1.75 6.53
CA LYS A 23 -8.72 -3.15 6.57
C LYS A 23 -7.92 -3.98 5.55
N ASN A 24 -7.19 -4.95 6.09
CA ASN A 24 -6.41 -5.88 5.27
C ASN A 24 -5.40 -5.14 4.40
N GLU A 25 -4.60 -4.29 5.02
CA GLU A 25 -3.55 -3.57 4.31
C GLU A 25 -2.20 -3.81 4.95
N GLU A 26 -1.15 -3.70 4.15
CA GLU A 26 0.21 -3.85 4.64
C GLU A 26 1.05 -2.65 4.23
N LEU A 27 2.18 -2.47 4.90
CA LEU A 27 3.08 -1.38 4.59
C LEU A 27 3.98 -1.77 3.44
N ILE A 28 3.79 -1.12 2.31
CA ILE A 28 4.52 -1.46 1.10
C ILE A 28 5.70 -0.51 0.91
N ALA A 29 5.50 0.75 1.29
CA ALA A 29 6.51 1.77 1.03
C ALA A 29 6.36 2.95 1.95
N LEU A 30 7.44 3.70 2.10
CA LEU A 30 7.45 4.89 2.93
C LEU A 30 7.33 6.12 2.04
N CYS A 31 6.24 6.84 2.18
CA CYS A 31 5.92 7.94 1.30
C CYS A 31 6.35 9.29 1.90
N GLN A 32 6.18 10.35 1.13
CA GLN A 32 6.51 11.68 1.61
C GLN A 32 5.46 12.15 2.61
N LYS A 33 5.74 13.28 3.26
CA LYS A 33 4.86 13.81 4.30
C LYS A 33 4.74 12.81 5.45
N SER A 34 5.70 11.89 5.48
CA SER A 34 5.78 10.79 6.44
C SER A 34 4.57 9.86 6.37
N LEU A 35 3.86 9.87 5.24
CA LEU A 35 2.78 8.92 4.99
C LEU A 35 3.34 7.54 4.67
N LYS A 36 2.52 6.53 4.85
CA LYS A 36 2.90 5.16 4.55
C LYS A 36 2.04 4.62 3.41
N CYS A 37 2.67 3.96 2.46
CA CYS A 37 1.91 3.38 1.37
C CYS A 37 1.33 2.05 1.81
N CYS A 38 0.01 1.99 1.88
CA CYS A 38 -0.68 0.81 2.34
C CYS A 38 -1.50 0.21 1.20
N ARG A 39 -1.25 -1.05 0.89
CA ARG A 39 -1.98 -1.72 -0.17
C ARG A 39 -2.98 -2.71 0.42
N THR A 40 -4.20 -2.65 -0.09
CA THR A 40 -5.25 -3.55 0.36
C THR A 40 -5.05 -4.92 -0.26
N ILE A 41 -4.94 -5.93 0.58
CA ILE A 41 -4.62 -7.27 0.12
C ILE A 41 -5.77 -7.88 -0.65
N GLN A 42 -5.50 -8.18 -1.91
CA GLN A 42 -6.46 -8.83 -2.79
C GLN A 42 -6.54 -10.31 -2.48
N PRO A 43 -7.74 -10.91 -2.54
CA PRO A 43 -7.91 -12.35 -2.32
C PRO A 43 -6.98 -13.15 -3.22
N SER A 44 -6.09 -13.91 -2.61
CA SER A 44 -5.04 -14.60 -3.34
C SER A 44 -5.11 -16.10 -3.07
N GLY A 45 -4.42 -16.87 -3.90
CA GLY A 45 -4.32 -18.29 -3.66
C GLY A 45 -3.44 -18.59 -2.47
N SER A 46 -4.02 -19.23 -1.47
CA SER A 46 -3.35 -19.48 -0.18
C SER A 46 -3.16 -18.18 0.60
N ILE A 47 -3.70 -18.15 1.81
CA ILE A 47 -3.54 -17.02 2.73
C ILE A 47 -4.45 -15.85 2.36
N ILE A 48 -5.13 -15.33 3.38
CA ILE A 48 -5.97 -14.11 3.32
C ILE A 48 -6.87 -14.02 2.08
N ASP A 49 -8.11 -14.41 2.26
CA ASP A 49 -9.11 -14.31 1.20
C ASP A 49 -10.00 -13.10 1.44
N PHE A 5 10.18 6.77 -6.40
CA PHE A 5 9.67 5.51 -7.00
C PHE A 5 8.77 4.76 -6.01
N PHE A 6 8.91 5.07 -4.72
CA PHE A 6 8.14 4.40 -3.68
C PHE A 6 6.65 4.35 -4.01
N ASP A 7 6.05 5.51 -4.28
CA ASP A 7 4.62 5.53 -4.54
C ASP A 7 4.33 5.47 -6.03
N GLU A 8 5.37 5.33 -6.81
CA GLU A 8 5.21 4.99 -8.22
C GLU A 8 4.81 3.52 -8.28
N LYS A 9 5.43 2.74 -7.40
CA LYS A 9 5.07 1.34 -7.21
C LYS A 9 3.73 1.25 -6.48
N CYS A 10 3.48 2.21 -5.58
CA CYS A 10 2.20 2.31 -4.89
C CYS A 10 1.09 2.54 -5.90
N ASN A 11 1.33 3.46 -6.82
CA ASN A 11 0.39 3.80 -7.87
C ASN A 11 0.08 2.57 -8.72
N LYS A 12 1.12 1.83 -9.05
CA LYS A 12 1.00 0.62 -9.85
C LYS A 12 0.12 -0.41 -9.14
N LEU A 13 0.25 -0.49 -7.82
CA LEU A 13 -0.53 -1.45 -7.02
C LEU A 13 -1.85 -0.84 -6.58
N LYS A 14 -2.06 0.42 -6.96
CA LYS A 14 -3.29 1.16 -6.64
C LYS A 14 -3.45 1.29 -5.14
N GLY A 15 -2.35 1.52 -4.45
CA GLY A 15 -2.38 1.72 -3.01
C GLY A 15 -2.45 3.19 -2.66
N THR A 16 -2.78 3.49 -1.41
CA THR A 16 -2.91 4.88 -0.98
C THR A 16 -1.89 5.19 0.11
N CYS A 17 -1.43 6.44 0.14
CA CYS A 17 -0.51 6.86 1.18
C CYS A 17 -1.31 7.36 2.38
N LYS A 18 -1.34 6.55 3.42
CA LYS A 18 -2.10 6.85 4.61
C LYS A 18 -1.23 6.71 5.85
N ASN A 19 -1.78 7.04 7.00
CA ASN A 19 -1.05 6.93 8.26
C ASN A 19 -0.96 5.47 8.69
N ASN A 20 -2.10 4.93 9.06
CA ASN A 20 -2.20 3.56 9.53
C ASN A 20 -3.00 2.72 8.55
N CYS A 21 -2.59 1.46 8.41
CA CYS A 21 -3.22 0.54 7.48
C CYS A 21 -4.61 0.15 7.96
N GLY A 22 -5.56 0.16 7.05
CA GLY A 22 -6.92 -0.21 7.39
C GLY A 22 -7.15 -1.69 7.24
N LYS A 23 -8.41 -2.08 7.09
CA LYS A 23 -8.76 -3.49 6.92
C LYS A 23 -8.02 -4.12 5.75
N ASN A 24 -7.40 -5.26 6.02
CA ASN A 24 -6.67 -6.02 5.00
C ASN A 24 -5.65 -5.15 4.27
N GLU A 25 -4.75 -4.51 5.00
CA GLU A 25 -3.72 -3.70 4.38
C GLU A 25 -2.36 -3.94 5.03
N GLU A 26 -1.31 -3.74 4.25
CA GLU A 26 0.05 -3.84 4.75
C GLU A 26 0.85 -2.62 4.33
N LEU A 27 2.00 -2.43 4.97
CA LEU A 27 2.86 -1.30 4.68
C LEU A 27 3.83 -1.66 3.57
N ILE A 28 3.61 -1.07 2.41
CA ILE A 28 4.33 -1.46 1.21
C ILE A 28 5.50 -0.53 0.93
N ALA A 29 5.35 0.75 1.29
CA ALA A 29 6.37 1.74 0.97
C ALA A 29 6.26 2.95 1.87
N LEU A 30 7.32 3.74 1.86
CA LEU A 30 7.42 4.91 2.70
C LEU A 30 7.37 6.17 1.86
N CYS A 31 6.44 7.06 2.17
CA CYS A 31 6.26 8.28 1.41
C CYS A 31 6.66 9.50 2.25
N GLN A 32 6.81 10.63 1.57
CA GLN A 32 7.09 11.88 2.24
C GLN A 32 5.85 12.37 2.97
N LYS A 33 6.00 13.42 3.76
CA LYS A 33 4.95 13.91 4.66
C LYS A 33 4.68 12.90 5.76
N SER A 34 5.55 11.89 5.84
CA SER A 34 5.47 10.81 6.84
C SER A 34 4.39 9.79 6.49
N LEU A 35 3.69 9.99 5.37
CA LEU A 35 2.68 9.04 4.92
C LEU A 35 3.33 7.73 4.46
N LYS A 36 2.61 6.63 4.61
CA LYS A 36 3.10 5.34 4.14
C LYS A 36 2.14 4.77 3.11
N CYS A 37 2.66 3.94 2.22
CA CYS A 37 1.83 3.32 1.21
C CYS A 37 1.23 2.04 1.74
N CYS A 38 -0.09 1.98 1.76
CA CYS A 38 -0.79 0.79 2.20
C CYS A 38 -1.56 0.18 1.03
N ARG A 39 -1.42 -1.13 0.85
CA ARG A 39 -2.14 -1.82 -0.20
C ARG A 39 -3.14 -2.80 0.41
N THR A 40 -4.35 -2.79 -0.13
CA THR A 40 -5.41 -3.65 0.37
C THR A 40 -5.27 -5.06 -0.18
N ILE A 41 -5.11 -6.00 0.72
CA ILE A 41 -4.91 -7.39 0.39
C ILE A 41 -6.16 -8.03 -0.16
N GLN A 42 -6.02 -8.74 -1.26
CA GLN A 42 -7.10 -9.51 -1.83
C GLN A 42 -7.02 -10.93 -1.33
N PRO A 43 -8.12 -11.48 -0.81
CA PRO A 43 -8.18 -12.87 -0.33
C PRO A 43 -7.64 -13.85 -1.37
N SER A 44 -6.77 -14.75 -0.91
CA SER A 44 -6.14 -15.76 -1.77
C SER A 44 -5.05 -15.13 -2.64
N GLY A 45 -4.90 -13.82 -2.53
CA GLY A 45 -3.87 -13.12 -3.27
C GLY A 45 -2.48 -13.44 -2.76
N SER A 46 -1.55 -13.64 -3.66
CA SER A 46 -0.19 -13.99 -3.31
C SER A 46 0.69 -12.73 -3.31
N ILE A 47 2.01 -12.93 -3.20
CA ILE A 47 2.99 -11.83 -3.28
C ILE A 47 3.03 -11.01 -1.99
N ILE A 48 1.86 -10.72 -1.44
CA ILE A 48 1.74 -9.89 -0.26
C ILE A 48 2.21 -10.64 1.00
N ASP A 49 2.26 -9.93 2.13
CA ASP A 49 2.72 -10.53 3.38
C ASP A 49 2.14 -9.78 4.57
N PHE A 5 10.01 6.03 -7.32
CA PHE A 5 10.05 4.55 -7.37
C PHE A 5 9.08 3.96 -6.36
N PHE A 6 9.16 4.41 -5.11
CA PHE A 6 8.35 3.85 -4.03
C PHE A 6 6.85 3.89 -4.34
N ASP A 7 6.34 5.07 -4.65
CA ASP A 7 4.90 5.19 -4.90
C ASP A 7 4.58 5.01 -6.37
N GLU A 8 5.58 4.60 -7.15
CA GLU A 8 5.34 4.08 -8.48
C GLU A 8 4.85 2.65 -8.31
N LYS A 9 5.43 1.98 -7.31
CA LYS A 9 4.97 0.67 -6.89
C LYS A 9 3.59 0.79 -6.27
N CYS A 10 3.40 1.86 -5.51
CA CYS A 10 2.10 2.16 -4.92
C CYS A 10 1.06 2.37 -6.03
N ASN A 11 1.48 3.09 -7.06
CA ASN A 11 0.65 3.35 -8.24
C ASN A 11 0.31 2.05 -8.95
N LYS A 12 1.34 1.26 -9.21
CA LYS A 12 1.20 -0.02 -9.88
C LYS A 12 0.18 -0.91 -9.18
N LEU A 13 0.27 -0.97 -7.86
CA LEU A 13 -0.64 -1.80 -7.07
C LEU A 13 -1.97 -1.10 -6.83
N LYS A 14 -1.99 0.19 -7.15
CA LYS A 14 -3.16 1.04 -6.94
C LYS A 14 -3.51 1.14 -5.47
N GLY A 15 -2.47 1.29 -4.66
CA GLY A 15 -2.64 1.53 -3.25
C GLY A 15 -2.51 3.00 -2.93
N THR A 16 -2.70 3.36 -1.68
CA THR A 16 -2.66 4.76 -1.30
C THR A 16 -1.77 4.98 -0.10
N CYS A 17 -1.24 6.19 0.01
CA CYS A 17 -0.37 6.54 1.11
C CYS A 17 -1.20 7.07 2.26
N LYS A 18 -1.27 6.30 3.33
CA LYS A 18 -2.03 6.68 4.50
C LYS A 18 -1.16 6.58 5.74
N ASN A 19 -1.63 7.14 6.83
CA ASN A 19 -0.85 7.16 8.05
C ASN A 19 -0.88 5.80 8.74
N ASN A 20 -2.09 5.26 8.92
CA ASN A 20 -2.26 3.95 9.53
C ASN A 20 -2.96 3.01 8.56
N CYS A 21 -2.46 1.78 8.46
CA CYS A 21 -3.01 0.81 7.52
C CYS A 21 -4.40 0.37 7.95
N GLY A 22 -5.32 0.34 7.00
CA GLY A 22 -6.70 0.00 7.28
C GLY A 22 -6.95 -1.49 7.25
N LYS A 23 -8.20 -1.87 7.06
CA LYS A 23 -8.57 -3.28 7.04
C LYS A 23 -7.87 -4.02 5.91
N ASN A 24 -7.31 -5.18 6.25
CA ASN A 24 -6.63 -6.04 5.27
C ASN A 24 -5.61 -5.27 4.47
N GLU A 25 -4.72 -4.56 5.15
CA GLU A 25 -3.71 -3.77 4.48
C GLU A 25 -2.33 -4.01 5.08
N GLU A 26 -1.31 -3.66 4.33
CA GLU A 26 0.06 -3.78 4.79
C GLU A 26 0.89 -2.60 4.29
N LEU A 27 2.00 -2.35 4.96
CA LEU A 27 2.91 -1.28 4.59
C LEU A 27 3.78 -1.75 3.42
N ILE A 28 3.68 -1.05 2.31
CA ILE A 28 4.38 -1.45 1.11
C ILE A 28 5.53 -0.49 0.80
N ALA A 29 5.34 0.79 1.10
CA ALA A 29 6.33 1.82 0.78
C ALA A 29 6.17 3.02 1.68
N LEU A 30 7.17 3.88 1.68
CA LEU A 30 7.19 5.06 2.53
C LEU A 30 7.01 6.32 1.72
N CYS A 31 6.49 7.36 2.36
CA CYS A 31 6.24 8.63 1.69
C CYS A 31 6.45 9.80 2.66
N GLN A 32 6.34 11.02 2.15
CA GLN A 32 6.50 12.22 2.97
C GLN A 32 5.31 12.37 3.91
N LYS A 33 5.42 13.33 4.82
CA LYS A 33 4.36 13.64 5.79
C LYS A 33 4.14 12.47 6.75
N SER A 34 5.05 11.50 6.71
CA SER A 34 4.96 10.28 7.50
C SER A 34 3.84 9.38 6.98
N LEU A 35 3.46 9.56 5.72
CA LEU A 35 2.49 8.69 5.07
C LEU A 35 3.19 7.43 4.55
N LYS A 36 2.49 6.31 4.59
CA LYS A 36 3.03 5.06 4.07
C LYS A 36 2.09 4.49 3.04
N CYS A 37 2.65 3.94 1.97
CA CYS A 37 1.84 3.33 0.94
C CYS A 37 1.29 2.02 1.45
N CYS A 38 -0.01 1.95 1.62
CA CYS A 38 -0.65 0.76 2.11
C CYS A 38 -1.51 0.15 1.03
N ARG A 39 -1.34 -1.15 0.82
CA ARG A 39 -2.12 -1.85 -0.20
C ARG A 39 -3.18 -2.70 0.46
N THR A 40 -4.38 -2.65 -0.07
CA THR A 40 -5.48 -3.44 0.45
C THR A 40 -5.49 -4.81 -0.19
N ILE A 41 -5.32 -5.82 0.65
CA ILE A 41 -5.15 -7.20 0.20
C ILE A 41 -6.38 -7.70 -0.54
N GLN A 42 -6.26 -7.68 -1.86
CA GLN A 42 -7.22 -8.31 -2.74
C GLN A 42 -6.90 -9.82 -2.81
N PRO A 43 -7.71 -10.64 -3.52
CA PRO A 43 -7.40 -12.07 -3.71
C PRO A 43 -5.90 -12.34 -3.92
N SER A 44 -5.45 -13.50 -3.44
CA SER A 44 -4.02 -13.81 -3.34
C SER A 44 -3.29 -13.71 -4.68
N GLY A 45 -4.04 -13.77 -5.77
CA GLY A 45 -3.43 -13.62 -7.08
C GLY A 45 -3.17 -12.16 -7.40
N SER A 46 -1.90 -11.82 -7.60
CA SER A 46 -1.46 -10.45 -7.89
C SER A 46 -1.55 -9.55 -6.64
N ILE A 47 -0.91 -8.39 -6.69
CA ILE A 47 -0.87 -7.44 -5.58
C ILE A 47 -0.05 -7.98 -4.40
N ILE A 48 -0.63 -8.93 -3.68
CA ILE A 48 0.04 -9.52 -2.53
C ILE A 48 0.68 -10.85 -2.94
N ASP A 49 1.81 -11.18 -2.31
CA ASP A 49 2.58 -12.38 -2.62
C ASP A 49 3.22 -12.25 -4.00
N PHE A 5 10.29 4.79 -7.89
CA PHE A 5 9.94 3.38 -8.16
C PHE A 5 8.89 2.87 -7.18
N PHE A 6 9.08 3.16 -5.89
CA PHE A 6 8.20 2.65 -4.85
C PHE A 6 6.74 3.04 -5.10
N ASP A 7 6.51 4.27 -5.55
CA ASP A 7 5.14 4.70 -5.78
C ASP A 7 4.72 4.52 -7.24
N GLU A 8 5.58 3.90 -8.02
CA GLU A 8 5.16 3.37 -9.31
C GLU A 8 4.34 2.13 -9.03
N LYS A 9 4.83 1.37 -8.05
CA LYS A 9 4.10 0.24 -7.53
C LYS A 9 2.81 0.72 -6.87
N CYS A 10 2.91 1.79 -6.09
CA CYS A 10 1.75 2.38 -5.43
C CYS A 10 0.64 2.70 -6.44
N ASN A 11 1.04 3.23 -7.57
CA ASN A 11 0.11 3.63 -8.63
C ASN A 11 -0.63 2.41 -9.19
N LYS A 12 0.14 1.44 -9.67
CA LYS A 12 -0.41 0.28 -10.32
C LYS A 12 -1.16 -0.62 -9.33
N LEU A 13 -0.66 -0.69 -8.11
CA LEU A 13 -1.24 -1.54 -7.09
C LEU A 13 -2.41 -0.84 -6.37
N LYS A 14 -2.59 0.45 -6.69
CA LYS A 14 -3.70 1.24 -6.14
C LYS A 14 -3.51 1.47 -4.64
N GLY A 15 -2.26 1.58 -4.23
CA GLY A 15 -1.96 1.84 -2.84
C GLY A 15 -2.24 3.28 -2.47
N THR A 16 -2.46 3.53 -1.19
CA THR A 16 -2.75 4.87 -0.73
C THR A 16 -1.79 5.27 0.38
N CYS A 17 -1.40 6.54 0.38
CA CYS A 17 -0.49 7.04 1.38
C CYS A 17 -1.27 7.42 2.63
N LYS A 18 -1.20 6.57 3.63
CA LYS A 18 -1.92 6.79 4.88
C LYS A 18 -0.98 6.56 6.06
N ASN A 19 -1.39 6.98 7.23
CA ASN A 19 -0.58 6.79 8.42
C ASN A 19 -0.79 5.41 9.01
N ASN A 20 -2.05 4.99 9.07
CA ASN A 20 -2.41 3.69 9.63
C ASN A 20 -3.08 2.84 8.58
N CYS A 21 -2.69 1.58 8.48
CA CYS A 21 -3.26 0.66 7.51
C CYS A 21 -4.69 0.31 7.90
N GLY A 22 -5.56 0.21 6.91
CA GLY A 22 -6.95 -0.13 7.15
C GLY A 22 -7.20 -1.61 7.04
N LYS A 23 -8.45 -1.97 6.80
CA LYS A 23 -8.84 -3.37 6.67
C LYS A 23 -8.02 -4.09 5.61
N ASN A 24 -7.39 -5.19 6.01
CA ASN A 24 -6.62 -6.05 5.12
C ASN A 24 -5.54 -5.26 4.37
N GLU A 25 -4.87 -4.36 5.08
CA GLU A 25 -3.81 -3.58 4.46
C GLU A 25 -2.48 -3.77 5.17
N GLU A 26 -1.41 -3.36 4.50
CA GLU A 26 -0.08 -3.41 5.11
C GLU A 26 0.80 -2.30 4.55
N LEU A 27 1.87 -1.99 5.27
CA LEU A 27 2.83 -0.98 4.86
C LEU A 27 3.71 -1.56 3.76
N ILE A 28 3.73 -0.91 2.61
CA ILE A 28 4.48 -1.39 1.46
C ILE A 28 5.66 -0.47 1.16
N ALA A 29 5.47 0.82 1.38
CA ALA A 29 6.48 1.81 1.05
C ALA A 29 6.27 3.07 1.87
N LEU A 30 7.29 3.89 1.92
CA LEU A 30 7.23 5.12 2.69
C LEU A 30 7.02 6.30 1.74
N CYS A 31 6.15 7.21 2.14
CA CYS A 31 5.77 8.33 1.31
C CYS A 31 6.20 9.65 1.94
N GLN A 32 6.04 10.74 1.21
CA GLN A 32 6.36 12.06 1.74
C GLN A 32 5.36 12.43 2.83
N LYS A 33 5.63 13.53 3.52
CA LYS A 33 4.81 13.96 4.67
C LYS A 33 4.84 12.90 5.77
N SER A 34 5.80 11.99 5.65
CA SER A 34 5.96 10.82 6.52
C SER A 34 4.72 9.91 6.50
N LEU A 35 4.01 9.91 5.37
CA LEU A 35 2.93 8.96 5.15
C LEU A 35 3.50 7.62 4.71
N LYS A 36 2.68 6.58 4.71
CA LYS A 36 3.12 5.27 4.27
C LYS A 36 2.15 4.70 3.24
N CYS A 37 2.69 4.06 2.22
CA CYS A 37 1.86 3.46 1.20
C CYS A 37 1.33 2.14 1.71
N CYS A 38 0.02 2.05 1.87
CA CYS A 38 -0.59 0.83 2.33
C CYS A 38 -1.40 0.19 1.20
N ARG A 39 -1.26 -1.12 1.06
CA ARG A 39 -1.94 -1.84 0.00
C ARG A 39 -3.04 -2.72 0.58
N THR A 40 -4.18 -2.75 -0.10
CA THR A 40 -5.29 -3.60 0.27
C THR A 40 -5.08 -5.01 -0.28
N ILE A 41 -4.88 -5.95 0.63
CA ILE A 41 -4.55 -7.31 0.31
C ILE A 41 -5.67 -8.03 -0.44
N GLN A 42 -5.49 -8.20 -1.74
CA GLN A 42 -6.43 -8.95 -2.55
C GLN A 42 -5.84 -10.31 -2.90
N PRO A 43 -6.62 -11.39 -2.74
CA PRO A 43 -6.16 -12.76 -3.01
C PRO A 43 -5.85 -12.98 -4.50
N SER A 44 -4.63 -13.38 -4.78
CA SER A 44 -4.20 -13.66 -6.15
C SER A 44 -3.41 -14.96 -6.17
N GLY A 45 -2.40 -15.06 -7.03
CA GLY A 45 -1.50 -16.19 -6.97
C GLY A 45 -0.84 -16.27 -5.61
N SER A 46 -1.00 -17.40 -4.93
CA SER A 46 -0.60 -17.52 -3.53
C SER A 46 -1.38 -16.50 -2.71
N ILE A 47 -0.76 -15.94 -1.69
CA ILE A 47 -1.34 -14.83 -0.98
C ILE A 47 -1.15 -13.52 -1.74
N ILE A 48 0.02 -12.92 -1.58
CA ILE A 48 0.31 -11.62 -2.15
C ILE A 48 1.79 -11.50 -2.51
N ASP A 49 2.18 -10.29 -2.89
CA ASP A 49 3.57 -9.97 -3.19
C ASP A 49 4.44 -10.08 -1.94
N PHE A 5 6.67 11.41 -7.59
CA PHE A 5 6.86 10.13 -8.29
C PHE A 5 6.64 8.94 -7.35
N PHE A 6 6.77 9.18 -6.04
CA PHE A 6 6.60 8.12 -5.05
C PHE A 6 5.21 7.48 -5.13
N ASP A 7 4.17 8.30 -5.01
CA ASP A 7 2.82 7.76 -4.98
C ASP A 7 2.23 7.66 -6.38
N GLU A 8 3.01 8.05 -7.36
CA GLU A 8 2.68 7.73 -8.74
C GLU A 8 2.80 6.23 -8.90
N LYS A 9 3.89 5.69 -8.38
CA LYS A 9 4.07 4.26 -8.33
C LYS A 9 3.05 3.63 -7.38
N CYS A 10 2.75 4.33 -6.28
CA CYS A 10 1.77 3.85 -5.31
C CYS A 10 0.41 3.62 -5.99
N ASN A 11 -0.03 4.62 -6.75
CA ASN A 11 -1.30 4.57 -7.45
C ASN A 11 -1.35 3.38 -8.40
N LYS A 12 -0.33 3.27 -9.23
CA LYS A 12 -0.27 2.23 -10.24
C LYS A 12 -0.05 0.85 -9.63
N LEU A 13 0.51 0.81 -8.43
CA LEU A 13 0.74 -0.43 -7.72
C LEU A 13 -0.49 -0.80 -6.89
N LYS A 14 -1.46 0.12 -6.86
CA LYS A 14 -2.73 -0.08 -6.15
C LYS A 14 -2.51 -0.10 -4.64
N GLY A 15 -1.66 0.81 -4.19
CA GLY A 15 -1.46 0.98 -2.77
C GLY A 15 -1.93 2.35 -2.33
N THR A 16 -2.00 2.57 -1.03
CA THR A 16 -2.44 3.85 -0.52
C THR A 16 -1.47 4.41 0.52
N CYS A 17 -1.07 5.65 0.37
CA CYS A 17 -0.19 6.28 1.34
C CYS A 17 -1.02 6.83 2.48
N LYS A 18 -1.09 6.09 3.56
CA LYS A 18 -1.85 6.49 4.72
C LYS A 18 -0.99 6.64 5.94
N ASN A 19 -1.60 7.07 7.03
CA ASN A 19 -0.93 7.08 8.31
C ASN A 19 -0.97 5.67 8.90
N ASN A 20 -2.18 5.15 9.00
CA ASN A 20 -2.42 3.85 9.65
C ASN A 20 -3.08 2.88 8.68
N CYS A 21 -2.64 1.62 8.71
CA CYS A 21 -3.11 0.63 7.76
C CYS A 21 -4.56 0.24 8.05
N GLY A 22 -5.37 0.25 7.00
CA GLY A 22 -6.77 -0.06 7.14
C GLY A 22 -7.05 -1.53 6.96
N LYS A 23 -8.30 -1.84 6.63
CA LYS A 23 -8.76 -3.22 6.43
C LYS A 23 -7.83 -4.02 5.51
N ASN A 24 -7.29 -5.11 6.04
CA ASN A 24 -6.46 -6.05 5.28
C ASN A 24 -5.34 -5.33 4.53
N GLU A 25 -4.64 -4.45 5.22
CA GLU A 25 -3.60 -3.66 4.59
C GLU A 25 -2.24 -3.89 5.22
N GLU A 26 -1.22 -4.02 4.39
CA GLU A 26 0.14 -4.18 4.86
C GLU A 26 1.04 -3.09 4.30
N LEU A 27 2.08 -2.74 5.05
CA LEU A 27 3.01 -1.69 4.64
C LEU A 27 3.96 -2.22 3.58
N ILE A 28 4.05 -1.51 2.46
CA ILE A 28 4.84 -1.96 1.33
C ILE A 28 5.93 -0.95 0.98
N ALA A 29 5.72 0.32 1.33
CA ALA A 29 6.68 1.36 1.01
C ALA A 29 6.48 2.56 1.92
N LEU A 30 7.51 3.38 2.02
CA LEU A 30 7.46 4.56 2.86
C LEU A 30 7.41 5.81 2.00
N CYS A 31 6.61 6.78 2.42
CA CYS A 31 6.38 7.99 1.64
C CYS A 31 6.63 9.23 2.49
N GLN A 32 6.37 10.39 1.90
CA GLN A 32 6.54 11.66 2.62
C GLN A 32 5.25 12.06 3.31
N LYS A 33 5.32 13.12 4.13
CA LYS A 33 4.15 13.65 4.84
C LYS A 33 3.62 12.64 5.85
N SER A 34 4.54 11.94 6.48
CA SER A 34 4.24 10.87 7.43
C SER A 34 3.27 9.84 6.84
N LEU A 35 3.34 9.69 5.52
CA LEU A 35 2.53 8.72 4.82
C LEU A 35 3.39 7.56 4.36
N LYS A 36 2.81 6.38 4.27
CA LYS A 36 3.48 5.23 3.72
C LYS A 36 2.50 4.33 3.01
N CYS A 37 2.97 3.61 2.00
CA CYS A 37 2.10 2.85 1.12
C CYS A 37 1.68 1.55 1.78
N CYS A 38 0.38 1.37 1.88
CA CYS A 38 -0.19 0.11 2.31
C CYS A 38 -1.19 -0.37 1.28
N ARG A 39 -1.14 -1.65 0.97
CA ARG A 39 -2.00 -2.21 -0.06
C ARG A 39 -3.10 -3.03 0.57
N THR A 40 -4.32 -2.86 0.05
CA THR A 40 -5.47 -3.64 0.49
C THR A 40 -5.41 -5.04 -0.11
N ILE A 41 -5.01 -5.98 0.72
CA ILE A 41 -4.80 -7.35 0.30
C ILE A 41 -6.12 -8.10 0.18
N GLN A 42 -6.47 -8.44 -1.05
CA GLN A 42 -7.72 -9.13 -1.31
C GLN A 42 -7.48 -10.59 -1.66
N PRO A 43 -8.20 -11.51 -1.00
CA PRO A 43 -8.11 -12.94 -1.28
C PRO A 43 -8.49 -13.25 -2.72
N SER A 44 -7.75 -14.16 -3.35
CA SER A 44 -7.96 -14.56 -4.75
C SER A 44 -7.52 -13.44 -5.70
N GLY A 45 -7.02 -12.36 -5.14
CA GLY A 45 -6.49 -11.27 -5.95
C GLY A 45 -5.17 -11.64 -6.59
N SER A 46 -4.65 -10.74 -7.42
CA SER A 46 -3.39 -10.98 -8.10
C SER A 46 -2.22 -10.78 -7.14
N ILE A 47 -1.14 -11.50 -7.41
CA ILE A 47 0.09 -11.43 -6.62
C ILE A 47 -0.07 -12.07 -5.24
N ILE A 48 -0.89 -11.48 -4.39
CA ILE A 48 -1.04 -11.94 -3.02
C ILE A 48 -2.48 -12.32 -2.71
N ASP A 49 -2.65 -13.42 -2.00
CA ASP A 49 -3.97 -13.92 -1.64
C ASP A 49 -4.21 -13.78 -0.14
N PHE A 5 8.93 9.30 -7.20
CA PHE A 5 8.72 7.94 -7.76
C PHE A 5 8.15 7.00 -6.69
N PHE A 6 8.33 7.34 -5.41
CA PHE A 6 7.84 6.51 -4.32
C PHE A 6 6.37 6.16 -4.49
N ASP A 7 5.51 7.17 -4.58
CA ASP A 7 4.09 6.92 -4.72
C ASP A 7 3.69 6.76 -6.18
N GLU A 8 4.66 6.91 -7.07
CA GLU A 8 4.45 6.55 -8.45
C GLU A 8 4.38 5.02 -8.53
N LYS A 9 5.20 4.40 -7.68
CA LYS A 9 5.16 2.96 -7.50
C LYS A 9 3.92 2.58 -6.69
N CYS A 10 3.52 3.46 -5.78
CA CYS A 10 2.28 3.26 -5.02
C CYS A 10 1.09 3.14 -5.96
N ASN A 11 1.08 3.99 -6.97
CA ASN A 11 0.04 3.97 -8.00
C ASN A 11 0.09 2.65 -8.77
N LYS A 12 1.30 2.24 -9.09
CA LYS A 12 1.54 1.00 -9.84
C LYS A 12 0.95 -0.20 -9.10
N LEU A 13 1.12 -0.24 -7.78
CA LEU A 13 0.56 -1.32 -6.96
C LEU A 13 -0.91 -1.07 -6.68
N LYS A 14 -1.36 0.14 -6.98
CA LYS A 14 -2.75 0.56 -6.74
C LYS A 14 -3.05 0.63 -5.26
N GLY A 15 -2.05 1.05 -4.49
CA GLY A 15 -2.22 1.24 -3.07
C GLY A 15 -2.41 2.70 -2.74
N THR A 16 -2.68 3.00 -1.49
CA THR A 16 -2.91 4.38 -1.07
C THR A 16 -1.93 4.78 0.01
N CYS A 17 -1.69 6.07 0.09
CA CYS A 17 -0.75 6.61 1.06
C CYS A 17 -1.50 7.05 2.31
N LYS A 18 -1.45 6.22 3.33
CA LYS A 18 -2.07 6.52 4.61
C LYS A 18 -1.08 6.27 5.73
N ASN A 19 -1.43 6.67 6.93
CA ASN A 19 -0.54 6.48 8.06
C ASN A 19 -0.79 5.12 8.70
N ASN A 20 -2.04 4.87 9.04
CA ASN A 20 -2.43 3.63 9.69
C ASN A 20 -3.07 2.70 8.68
N CYS A 21 -2.58 1.47 8.60
CA CYS A 21 -3.11 0.49 7.66
C CYS A 21 -4.50 0.06 8.09
N GLY A 22 -5.46 0.22 7.19
CA GLY A 22 -6.84 -0.11 7.48
C GLY A 22 -7.12 -1.59 7.31
N LYS A 23 -8.38 -1.92 7.12
CA LYS A 23 -8.78 -3.32 6.94
C LYS A 23 -8.00 -3.97 5.79
N ASN A 24 -7.37 -5.10 6.10
CA ASN A 24 -6.63 -5.89 5.12
C ASN A 24 -5.58 -5.04 4.40
N GLU A 25 -4.74 -4.33 5.14
CA GLU A 25 -3.70 -3.52 4.53
C GLU A 25 -2.34 -3.76 5.19
N GLU A 26 -1.30 -3.75 4.36
CA GLU A 26 0.06 -3.93 4.85
C GLU A 26 0.93 -2.75 4.43
N LEU A 27 2.03 -2.54 5.14
CA LEU A 27 2.97 -1.46 4.82
C LEU A 27 3.95 -1.93 3.76
N ILE A 28 3.91 -1.27 2.62
CA ILE A 28 4.67 -1.72 1.46
C ILE A 28 5.74 -0.70 1.07
N ALA A 29 5.63 0.50 1.62
CA ALA A 29 6.57 1.57 1.33
C ALA A 29 6.35 2.74 2.25
N LEU A 30 7.34 3.59 2.34
CA LEU A 30 7.28 4.77 3.15
C LEU A 30 7.14 5.97 2.23
N CYS A 31 6.21 6.82 2.58
CA CYS A 31 5.80 7.90 1.70
C CYS A 31 6.16 9.26 2.27
N GLN A 32 6.03 10.27 1.43
CA GLN A 32 6.27 11.65 1.83
C GLN A 32 5.17 12.09 2.80
N LYS A 33 5.36 13.26 3.40
CA LYS A 33 4.41 13.78 4.40
C LYS A 33 4.43 12.94 5.67
N SER A 34 5.42 12.04 5.73
CA SER A 34 5.55 11.06 6.80
C SER A 34 4.44 10.01 6.68
N LEU A 35 3.86 9.93 5.49
CA LEU A 35 2.84 8.94 5.17
C LEU A 35 3.47 7.61 4.80
N LYS A 36 2.64 6.66 4.40
CA LYS A 36 3.10 5.31 4.09
C LYS A 36 2.23 4.68 3.02
N CYS A 37 2.79 3.75 2.26
CA CYS A 37 2.05 3.09 1.21
C CYS A 37 1.42 1.81 1.74
N CYS A 38 0.11 1.78 1.77
CA CYS A 38 -0.61 0.61 2.22
C CYS A 38 -1.35 -0.03 1.05
N ARG A 39 -1.15 -1.32 0.88
CA ARG A 39 -1.85 -2.06 -0.16
C ARG A 39 -3.00 -2.84 0.46
N THR A 40 -4.19 -2.65 -0.09
CA THR A 40 -5.36 -3.38 0.36
C THR A 40 -5.30 -4.80 -0.18
N ILE A 41 -5.09 -5.75 0.72
CA ILE A 41 -4.92 -7.14 0.36
C ILE A 41 -6.21 -7.76 -0.15
N GLN A 42 -6.29 -7.86 -1.45
CA GLN A 42 -7.41 -8.50 -2.12
C GLN A 42 -6.92 -9.81 -2.73
N PRO A 43 -7.63 -10.92 -2.49
CA PRO A 43 -7.25 -12.23 -3.01
C PRO A 43 -6.95 -12.19 -4.50
N SER A 44 -5.71 -12.51 -4.85
CA SER A 44 -5.26 -12.44 -6.23
C SER A 44 -4.49 -13.69 -6.59
N GLY A 45 -4.25 -13.87 -7.89
CA GLY A 45 -3.35 -14.92 -8.33
C GLY A 45 -1.92 -14.48 -8.13
N SER A 46 -1.19 -15.23 -7.31
CA SER A 46 0.16 -14.84 -6.90
C SER A 46 0.10 -13.56 -6.06
N ILE A 47 1.26 -12.99 -5.75
CA ILE A 47 1.37 -11.79 -4.93
C ILE A 47 0.99 -12.08 -3.48
N ILE A 48 -0.30 -12.28 -3.23
CA ILE A 48 -0.80 -12.51 -1.88
C ILE A 48 -2.27 -12.96 -1.93
N ASP A 49 -2.70 -13.66 -0.90
CA ASP A 49 -4.08 -14.11 -0.80
C ASP A 49 -4.77 -13.41 0.35
N PHE A 5 7.57 8.52 -8.45
CA PHE A 5 8.00 7.12 -8.32
C PHE A 5 7.31 6.44 -7.12
N PHE A 6 7.37 7.07 -5.95
CA PHE A 6 6.83 6.49 -4.73
C PHE A 6 5.38 6.05 -4.89
N ASP A 7 4.50 6.98 -5.22
CA ASP A 7 3.09 6.64 -5.34
C ASP A 7 2.74 6.17 -6.73
N GLU A 8 3.74 6.03 -7.58
CA GLU A 8 3.56 5.32 -8.83
C GLU A 8 3.50 3.84 -8.52
N LYS A 9 4.39 3.43 -7.64
CA LYS A 9 4.37 2.07 -7.11
C LYS A 9 3.09 1.88 -6.31
N CYS A 10 2.66 2.94 -5.63
CA CYS A 10 1.41 2.92 -4.89
C CYS A 10 0.23 2.66 -5.83
N ASN A 11 0.29 3.28 -7.02
CA ASN A 11 -0.74 3.11 -8.02
C ASN A 11 -0.76 1.69 -8.54
N LYS A 12 0.43 1.13 -8.72
CA LYS A 12 0.59 -0.25 -9.15
C LYS A 12 -0.11 -1.22 -8.21
N LEU A 13 -0.03 -0.95 -6.91
CA LEU A 13 -0.66 -1.81 -5.92
C LEU A 13 -2.08 -1.35 -5.61
N LYS A 14 -2.47 -0.22 -6.20
CA LYS A 14 -3.79 0.36 -6.01
C LYS A 14 -4.01 0.76 -4.54
N GLY A 15 -2.92 1.09 -3.87
CA GLY A 15 -3.01 1.51 -2.49
C GLY A 15 -2.98 3.02 -2.39
N THR A 16 -2.83 3.54 -1.18
CA THR A 16 -2.78 4.97 -0.99
C THR A 16 -1.92 5.32 0.21
N CYS A 17 -1.39 6.53 0.19
CA CYS A 17 -0.50 6.99 1.25
C CYS A 17 -1.31 7.39 2.47
N LYS A 18 -1.32 6.52 3.47
CA LYS A 18 -2.01 6.76 4.72
C LYS A 18 -1.06 6.49 5.87
N ASN A 19 -1.46 6.84 7.09
CA ASN A 19 -0.60 6.63 8.23
C ASN A 19 -0.77 5.22 8.78
N ASN A 20 -2.02 4.85 9.06
CA ASN A 20 -2.34 3.55 9.61
C ASN A 20 -2.97 2.68 8.55
N CYS A 21 -2.50 1.45 8.44
CA CYS A 21 -3.03 0.51 7.46
C CYS A 21 -4.43 0.07 7.85
N GLY A 22 -5.34 0.09 6.89
CA GLY A 22 -6.72 -0.26 7.15
C GLY A 22 -6.98 -1.75 6.98
N LYS A 23 -8.24 -2.08 6.77
CA LYS A 23 -8.67 -3.47 6.57
C LYS A 23 -7.86 -4.15 5.47
N ASN A 24 -7.26 -5.29 5.83
CA ASN A 24 -6.49 -6.12 4.89
C ASN A 24 -5.31 -5.35 4.31
N GLU A 25 -4.90 -4.28 4.96
CA GLU A 25 -3.84 -3.44 4.44
C GLU A 25 -2.56 -3.61 5.24
N GLU A 26 -1.45 -3.66 4.54
CA GLU A 26 -0.14 -3.71 5.18
C GLU A 26 0.78 -2.66 4.58
N LEU A 27 1.83 -2.33 5.32
CA LEU A 27 2.76 -1.27 4.95
C LEU A 27 3.68 -1.76 3.85
N ILE A 28 3.68 -1.05 2.72
CA ILE A 28 4.43 -1.49 1.56
C ILE A 28 5.59 -0.55 1.24
N ALA A 29 5.45 0.72 1.60
CA ALA A 29 6.47 1.71 1.25
C ALA A 29 6.40 2.92 2.16
N LEU A 30 7.52 3.62 2.22
CA LEU A 30 7.65 4.81 3.02
C LEU A 30 7.48 6.04 2.14
N CYS A 31 6.40 6.76 2.35
CA CYS A 31 6.07 7.91 1.52
C CYS A 31 6.54 9.20 2.16
N GLN A 32 6.54 10.28 1.39
CA GLN A 32 6.91 11.58 1.90
C GLN A 32 5.74 12.19 2.65
N LYS A 33 6.00 13.31 3.33
CA LYS A 33 5.02 13.94 4.21
C LYS A 33 4.77 13.06 5.43
N SER A 34 5.62 12.05 5.58
CA SER A 34 5.59 11.11 6.70
C SER A 34 4.47 10.07 6.55
N LEU A 35 3.79 10.08 5.40
CA LEU A 35 2.81 9.06 5.10
C LEU A 35 3.50 7.76 4.68
N LYS A 36 2.73 6.68 4.61
CA LYS A 36 3.23 5.41 4.13
C LYS A 36 2.27 4.82 3.11
N CYS A 37 2.77 3.93 2.28
CA CYS A 37 1.93 3.32 1.28
C CYS A 37 1.36 2.03 1.81
N CYS A 38 0.05 1.98 1.96
CA CYS A 38 -0.63 0.78 2.39
C CYS A 38 -1.43 0.20 1.24
N ARG A 39 -1.29 -1.10 1.01
CA ARG A 39 -2.02 -1.76 -0.06
C ARG A 39 -2.99 -2.78 0.50
N THR A 40 -4.16 -2.86 -0.14
CA THR A 40 -5.20 -3.76 0.29
C THR A 40 -4.96 -5.16 -0.24
N ILE A 41 -4.67 -6.08 0.67
CA ILE A 41 -4.46 -7.48 0.34
C ILE A 41 -5.71 -8.11 -0.24
N GLN A 42 -5.65 -8.42 -1.52
CA GLN A 42 -6.78 -9.00 -2.22
C GLN A 42 -6.49 -10.45 -2.59
N PRO A 43 -7.40 -11.38 -2.24
CA PRO A 43 -7.23 -12.80 -2.55
C PRO A 43 -7.33 -13.09 -4.04
N SER A 44 -6.26 -13.64 -4.59
CA SER A 44 -6.22 -14.01 -6.00
C SER A 44 -5.24 -15.16 -6.19
N GLY A 45 -4.78 -15.37 -7.43
CA GLY A 45 -3.80 -16.39 -7.69
C GLY A 45 -2.51 -16.16 -6.93
N SER A 46 -2.10 -17.14 -6.12
CA SER A 46 -0.93 -17.02 -5.27
C SER A 46 -1.15 -15.90 -4.26
N ILE A 47 -0.07 -15.20 -3.94
CA ILE A 47 -0.12 -14.05 -3.07
C ILE A 47 -0.58 -12.81 -3.83
N ILE A 48 -0.64 -11.69 -3.13
CA ILE A 48 -0.94 -10.40 -3.74
C ILE A 48 0.29 -9.91 -4.51
N ASP A 49 0.11 -9.63 -5.79
CA ASP A 49 1.22 -9.19 -6.63
C ASP A 49 1.23 -7.66 -6.73
N PHE A 5 8.18 9.34 -7.51
CA PHE A 5 8.82 8.04 -7.22
C PHE A 5 8.01 7.24 -6.19
N PHE A 6 7.75 7.85 -5.05
CA PHE A 6 7.11 7.16 -3.94
C PHE A 6 5.72 6.65 -4.30
N ASP A 7 4.91 7.49 -4.94
CA ASP A 7 3.58 7.07 -5.32
C ASP A 7 3.55 6.48 -6.71
N GLU A 8 4.70 6.43 -7.35
CA GLU A 8 4.84 5.65 -8.58
C GLU A 8 4.65 4.19 -8.18
N LYS A 9 5.30 3.82 -7.09
CA LYS A 9 5.13 2.52 -6.49
C LYS A 9 3.71 2.37 -5.97
N CYS A 10 3.21 3.41 -5.30
CA CYS A 10 1.87 3.37 -4.72
C CYS A 10 0.81 3.09 -5.79
N ASN A 11 0.89 3.84 -6.89
CA ASN A 11 -0.03 3.70 -8.01
C ASN A 11 0.02 2.28 -8.57
N LYS A 12 1.23 1.76 -8.64
CA LYS A 12 1.48 0.44 -9.23
C LYS A 12 0.86 -0.67 -8.38
N LEU A 13 0.73 -0.44 -7.09
CA LEU A 13 0.10 -1.43 -6.20
C LEU A 13 -1.36 -1.10 -5.95
N LYS A 14 -1.79 0.04 -6.49
CA LYS A 14 -3.17 0.51 -6.33
C LYS A 14 -3.45 0.82 -4.86
N GLY A 15 -2.39 1.16 -4.14
CA GLY A 15 -2.53 1.45 -2.74
C GLY A 15 -2.63 2.93 -2.48
N THR A 16 -2.76 3.31 -1.23
CA THR A 16 -2.89 4.71 -0.87
C THR A 16 -1.83 5.07 0.17
N CYS A 17 -1.38 6.32 0.15
CA CYS A 17 -0.44 6.79 1.15
C CYS A 17 -1.22 7.28 2.36
N LYS A 18 -1.29 6.44 3.37
CA LYS A 18 -2.03 6.76 4.58
C LYS A 18 -1.11 6.66 5.79
N ASN A 19 -1.63 7.06 6.95
CA ASN A 19 -0.84 7.01 8.16
C ASN A 19 -1.01 5.66 8.84
N ASN A 20 -2.26 5.26 9.07
CA ASN A 20 -2.55 3.99 9.70
C ASN A 20 -3.26 3.05 8.73
N CYS A 21 -2.76 1.83 8.61
CA CYS A 21 -3.31 0.84 7.69
C CYS A 21 -4.62 0.28 8.23
N GLY A 22 -5.53 -0.05 7.33
CA GLY A 22 -6.82 -0.58 7.72
C GLY A 22 -6.95 -2.06 7.41
N LYS A 23 -8.20 -2.50 7.29
CA LYS A 23 -8.52 -3.90 7.03
C LYS A 23 -7.76 -4.43 5.81
N ASN A 24 -7.13 -5.59 6.01
CA ASN A 24 -6.48 -6.34 4.93
C ASN A 24 -5.40 -5.54 4.22
N GLU A 25 -4.77 -4.61 4.92
CA GLU A 25 -3.73 -3.81 4.32
C GLU A 25 -2.35 -4.15 4.88
N GLU A 26 -1.34 -3.93 4.07
CA GLU A 26 0.04 -4.12 4.49
C GLU A 26 0.83 -2.85 4.16
N LEU A 27 1.93 -2.65 4.88
CA LEU A 27 2.80 -1.52 4.62
C LEU A 27 3.88 -1.95 3.65
N ILE A 28 3.91 -1.32 2.49
CA ILE A 28 4.73 -1.80 1.39
C ILE A 28 5.83 -0.80 1.03
N ALA A 29 5.67 0.45 1.43
CA ALA A 29 6.64 1.48 1.13
C ALA A 29 6.43 2.68 2.02
N LEU A 30 7.49 3.44 2.21
CA LEU A 30 7.44 4.60 3.09
C LEU A 30 7.52 5.88 2.26
N CYS A 31 6.49 6.70 2.37
CA CYS A 31 6.37 7.91 1.57
C CYS A 31 6.84 9.13 2.36
N GLN A 32 6.70 10.31 1.77
CA GLN A 32 7.04 11.54 2.46
C GLN A 32 5.83 12.08 3.20
N LYS A 33 6.05 13.14 3.97
CA LYS A 33 4.98 13.79 4.74
C LYS A 33 4.47 12.87 5.85
N SER A 34 5.25 11.84 6.13
CA SER A 34 4.94 10.85 7.17
C SER A 34 3.94 9.80 6.67
N LEU A 35 3.44 9.98 5.45
CA LEU A 35 2.59 8.98 4.83
C LEU A 35 3.41 7.80 4.36
N LYS A 36 2.80 6.63 4.29
CA LYS A 36 3.42 5.48 3.68
C LYS A 36 2.38 4.63 2.95
N CYS A 37 2.85 3.80 2.04
CA CYS A 37 1.98 3.12 1.10
C CYS A 37 1.36 1.88 1.71
N CYS A 38 0.04 1.88 1.78
CA CYS A 38 -0.71 0.72 2.24
C CYS A 38 -1.59 0.20 1.11
N ARG A 39 -1.53 -1.09 0.86
CA ARG A 39 -2.32 -1.69 -0.20
C ARG A 39 -3.31 -2.70 0.39
N THR A 40 -4.54 -2.65 -0.10
CA THR A 40 -5.57 -3.56 0.35
C THR A 40 -5.41 -4.91 -0.34
N ILE A 41 -4.99 -5.89 0.42
CA ILE A 41 -4.68 -7.21 -0.07
C ILE A 41 -5.93 -7.99 -0.44
N GLN A 42 -5.94 -8.48 -1.67
CA GLN A 42 -7.01 -9.33 -2.17
C GLN A 42 -6.87 -10.74 -1.59
N PRO A 43 -7.85 -11.65 -1.78
CA PRO A 43 -7.76 -13.03 -1.32
C PRO A 43 -6.37 -13.66 -1.56
N SER A 44 -5.96 -14.52 -0.64
CA SER A 44 -4.62 -15.09 -0.65
C SER A 44 -4.39 -16.01 -1.84
N GLY A 45 -5.46 -16.39 -2.53
CA GLY A 45 -5.32 -17.20 -3.71
C GLY A 45 -4.92 -16.37 -4.91
N SER A 46 -3.73 -16.65 -5.44
CA SER A 46 -3.17 -15.93 -6.59
C SER A 46 -2.88 -14.45 -6.24
N ILE A 47 -2.01 -13.84 -7.03
CA ILE A 47 -1.62 -12.44 -6.87
C ILE A 47 -0.68 -12.24 -5.67
N ILE A 48 -1.19 -12.46 -4.48
CA ILE A 48 -0.40 -12.30 -3.26
C ILE A 48 -0.74 -13.38 -2.25
N ASP A 49 0.29 -14.02 -1.73
CA ASP A 49 0.12 -15.06 -0.71
C ASP A 49 0.06 -14.45 0.67
N PHE A 5 6.70 10.65 -7.05
CA PHE A 5 7.82 9.71 -7.20
C PHE A 5 7.59 8.46 -6.36
N PHE A 6 7.76 8.60 -5.04
CA PHE A 6 7.57 7.48 -4.12
C PHE A 6 6.15 6.94 -4.23
N ASP A 7 5.18 7.83 -4.24
CA ASP A 7 3.80 7.39 -4.34
C ASP A 7 3.35 7.24 -5.78
N GLU A 8 4.26 7.45 -6.70
CA GLU A 8 4.01 7.10 -8.10
C GLU A 8 4.13 5.60 -8.21
N LYS A 9 5.06 5.05 -7.42
CA LYS A 9 5.16 3.61 -7.26
C LYS A 9 3.96 3.10 -6.47
N CYS A 10 3.52 3.89 -5.49
CA CYS A 10 2.32 3.58 -4.73
C CYS A 10 1.13 3.47 -5.68
N ASN A 11 1.07 4.40 -6.62
CA ASN A 11 0.05 4.40 -7.67
C ASN A 11 0.09 3.13 -8.48
N LYS A 12 1.28 2.79 -8.96
CA LYS A 12 1.49 1.59 -9.75
C LYS A 12 1.07 0.34 -8.99
N LEU A 13 1.46 0.27 -7.72
CA LEU A 13 1.15 -0.89 -6.90
C LEU A 13 -0.28 -0.82 -6.36
N LYS A 14 -0.97 0.26 -6.72
CA LYS A 14 -2.41 0.41 -6.46
C LYS A 14 -2.70 0.51 -4.97
N GLY A 15 -1.85 1.24 -4.26
CA GLY A 15 -2.07 1.45 -2.85
C GLY A 15 -2.29 2.91 -2.54
N THR A 16 -2.71 3.21 -1.32
CA THR A 16 -2.90 4.59 -0.90
C THR A 16 -1.94 4.90 0.24
N CYS A 17 -1.49 6.15 0.31
CA CYS A 17 -0.56 6.56 1.35
C CYS A 17 -1.33 7.02 2.58
N LYS A 18 -1.32 6.20 3.61
CA LYS A 18 -2.02 6.52 4.84
C LYS A 18 -1.05 6.59 5.99
N ASN A 19 -1.56 6.98 7.14
CA ASN A 19 -0.81 6.92 8.37
C ASN A 19 -0.92 5.53 8.97
N ASN A 20 -2.00 4.83 8.61
CA ASN A 20 -2.26 3.52 9.18
C ASN A 20 -2.92 2.62 8.14
N CYS A 21 -2.64 1.33 8.25
CA CYS A 21 -3.21 0.35 7.33
C CYS A 21 -4.57 -0.10 7.82
N GLY A 22 -5.53 -0.09 6.92
CA GLY A 22 -6.89 -0.49 7.25
C GLY A 22 -7.10 -1.98 7.12
N LYS A 23 -8.37 -2.35 6.96
CA LYS A 23 -8.75 -3.76 6.86
C LYS A 23 -7.93 -4.51 5.82
N ASN A 24 -7.23 -5.55 6.27
CA ASN A 24 -6.44 -6.41 5.40
C ASN A 24 -5.41 -5.64 4.59
N GLU A 25 -4.90 -4.56 5.17
CA GLU A 25 -3.85 -3.78 4.52
C GLU A 25 -2.52 -3.98 5.22
N GLU A 26 -1.43 -3.75 4.50
CA GLU A 26 -0.10 -3.85 5.08
C GLU A 26 0.77 -2.70 4.59
N LEU A 27 1.83 -2.41 5.34
CA LEU A 27 2.76 -1.35 4.99
C LEU A 27 3.79 -1.88 4.01
N ILE A 28 3.82 -1.30 2.82
CA ILE A 28 4.64 -1.84 1.74
C ILE A 28 5.76 -0.88 1.36
N ALA A 29 5.61 0.39 1.71
CA ALA A 29 6.61 1.40 1.36
C ALA A 29 6.37 2.68 2.12
N LEU A 30 7.42 3.48 2.22
CA LEU A 30 7.34 4.74 2.92
C LEU A 30 7.32 5.90 1.94
N CYS A 31 6.46 6.84 2.23
CA CYS A 31 6.22 7.97 1.35
C CYS A 31 6.64 9.27 2.00
N GLN A 32 6.57 10.37 1.26
CA GLN A 32 6.88 11.68 1.82
C GLN A 32 5.75 12.14 2.73
N LYS A 33 5.99 13.24 3.43
CA LYS A 33 5.03 13.76 4.40
C LYS A 33 4.84 12.79 5.56
N SER A 34 5.71 11.78 5.61
CA SER A 34 5.70 10.74 6.63
C SER A 34 4.58 9.72 6.40
N LEU A 35 3.90 9.83 5.25
CA LEU A 35 2.89 8.86 4.87
C LEU A 35 3.53 7.54 4.45
N LYS A 36 2.75 6.47 4.40
CA LYS A 36 3.25 5.18 3.96
C LYS A 36 2.23 4.51 3.05
N CYS A 37 2.71 3.61 2.19
CA CYS A 37 1.85 2.95 1.23
C CYS A 37 1.17 1.74 1.87
N CYS A 38 -0.14 1.80 1.96
CA CYS A 38 -0.93 0.69 2.46
C CYS A 38 -1.69 0.03 1.32
N ARG A 39 -1.45 -1.25 1.11
CA ARG A 39 -2.13 -1.98 0.05
C ARG A 39 -3.16 -2.92 0.67
N THR A 40 -4.38 -2.88 0.15
CA THR A 40 -5.44 -3.77 0.61
C THR A 40 -5.30 -5.11 -0.07
N ILE A 41 -4.98 -6.13 0.71
CA ILE A 41 -4.75 -7.47 0.20
C ILE A 41 -5.93 -7.99 -0.62
N GLN A 42 -5.64 -8.29 -1.88
CA GLN A 42 -6.65 -8.75 -2.82
C GLN A 42 -6.92 -10.24 -2.61
N PRO A 43 -8.20 -10.62 -2.53
CA PRO A 43 -8.61 -12.02 -2.38
C PRO A 43 -8.52 -12.80 -3.69
N SER A 44 -8.83 -14.09 -3.63
CA SER A 44 -8.86 -14.96 -4.80
C SER A 44 -7.44 -15.31 -5.29
N GLY A 45 -6.70 -14.30 -5.68
CA GLY A 45 -5.38 -14.52 -6.24
C GLY A 45 -4.27 -14.04 -5.33
N SER A 46 -3.41 -14.97 -4.91
CA SER A 46 -2.27 -14.68 -4.04
C SER A 46 -2.64 -13.72 -2.91
N ILE A 47 -2.04 -12.55 -2.96
CA ILE A 47 -2.33 -11.47 -2.04
C ILE A 47 -2.34 -10.14 -2.78
N ILE A 48 -1.18 -9.52 -2.87
CA ILE A 48 -1.01 -8.29 -3.61
C ILE A 48 0.17 -8.42 -4.56
N ASP A 49 0.39 -9.66 -5.00
CA ASP A 49 1.47 -9.96 -5.92
C ASP A 49 0.91 -10.65 -7.14
N PHE A 5 7.70 10.03 -7.20
CA PHE A 5 7.83 8.65 -7.70
C PHE A 5 7.42 7.64 -6.64
N PHE A 6 7.44 8.04 -5.38
CA PHE A 6 7.07 7.15 -4.27
C PHE A 6 5.67 6.59 -4.48
N ASP A 7 4.72 7.44 -4.82
CA ASP A 7 3.36 6.97 -5.00
C ASP A 7 3.05 6.65 -6.45
N GLU A 8 4.05 6.79 -7.31
CA GLU A 8 3.95 6.22 -8.64
C GLU A 8 4.08 4.72 -8.51
N LYS A 9 4.97 4.33 -7.61
CA LYS A 9 5.09 2.94 -7.21
C LYS A 9 3.81 2.49 -6.52
N CYS A 10 3.31 3.36 -5.64
CA CYS A 10 2.09 3.09 -4.89
C CYS A 10 0.92 2.82 -5.86
N ASN A 11 0.84 3.63 -6.90
CA ASN A 11 -0.18 3.48 -7.93
C ASN A 11 -0.10 2.12 -8.59
N LYS A 12 1.12 1.73 -8.91
CA LYS A 12 1.36 0.46 -9.59
C LYS A 12 0.95 -0.73 -8.72
N LEU A 13 1.10 -0.58 -7.40
CA LEU A 13 0.70 -1.64 -6.47
C LEU A 13 -0.75 -1.48 -6.04
N LYS A 14 -1.38 -0.41 -6.52
CA LYS A 14 -2.80 -0.12 -6.27
C LYS A 14 -3.04 0.18 -4.80
N GLY A 15 -2.05 0.79 -4.15
CA GLY A 15 -2.19 1.15 -2.76
C GLY A 15 -2.40 2.63 -2.59
N THR A 16 -2.33 3.10 -1.36
CA THR A 16 -2.48 4.52 -1.07
C THR A 16 -1.63 4.91 0.13
N CYS A 17 -1.17 6.14 0.16
CA CYS A 17 -0.33 6.63 1.25
C CYS A 17 -1.20 7.20 2.35
N LYS A 18 -1.26 6.49 3.47
CA LYS A 18 -2.12 6.88 4.57
C LYS A 18 -1.35 6.90 5.88
N ASN A 19 -2.02 7.33 6.95
CA ASN A 19 -1.42 7.39 8.27
C ASN A 19 -1.19 5.99 8.82
N ASN A 20 -2.30 5.30 9.06
CA ASN A 20 -2.27 3.92 9.54
C ASN A 20 -3.04 3.01 8.59
N CYS A 21 -2.56 1.78 8.43
CA CYS A 21 -3.15 0.83 7.50
C CYS A 21 -4.50 0.34 8.04
N GLY A 22 -5.43 0.12 7.12
CA GLY A 22 -6.75 -0.31 7.49
C GLY A 22 -6.90 -1.81 7.43
N LYS A 23 -8.15 -2.28 7.33
CA LYS A 23 -8.45 -3.70 7.31
C LYS A 23 -7.71 -4.42 6.18
N ASN A 24 -7.07 -5.54 6.55
CA ASN A 24 -6.30 -6.39 5.64
C ASN A 24 -5.46 -5.57 4.65
N GLU A 25 -4.56 -4.77 5.18
CA GLU A 25 -3.60 -4.04 4.36
C GLU A 25 -2.18 -4.43 4.76
N GLU A 26 -1.25 -4.30 3.83
CA GLU A 26 0.16 -4.58 4.12
C GLU A 26 1.00 -3.35 3.82
N LEU A 27 2.15 -3.23 4.48
CA LEU A 27 3.06 -2.14 4.20
C LEU A 27 4.05 -2.56 3.15
N ILE A 28 4.28 -1.64 2.23
CA ILE A 28 5.04 -1.95 1.03
C ILE A 28 6.14 -0.91 0.79
N ALA A 29 5.91 0.32 1.22
CA ALA A 29 6.87 1.40 1.02
C ALA A 29 6.59 2.55 1.96
N LEU A 30 7.61 3.32 2.23
CA LEU A 30 7.49 4.44 3.14
C LEU A 30 7.55 5.75 2.36
N CYS A 31 6.63 6.65 2.67
CA CYS A 31 6.49 7.89 1.93
C CYS A 31 6.85 9.09 2.81
N GLN A 32 6.79 10.28 2.21
CA GLN A 32 7.00 11.51 2.95
C GLN A 32 5.66 12.03 3.47
N LYS A 33 5.72 13.12 4.25
CA LYS A 33 4.52 13.76 4.79
C LYS A 33 3.85 12.89 5.84
N SER A 34 4.66 12.04 6.46
CA SER A 34 4.19 11.13 7.51
C SER A 34 3.25 10.06 6.93
N LEU A 35 3.37 9.86 5.63
CA LEU A 35 2.55 8.86 4.94
C LEU A 35 3.40 7.66 4.57
N LYS A 36 2.77 6.51 4.42
CA LYS A 36 3.45 5.36 3.85
C LYS A 36 2.48 4.54 3.00
N CYS A 37 3.03 3.80 2.05
CA CYS A 37 2.22 3.09 1.08
C CYS A 37 1.60 1.86 1.70
N CYS A 38 0.30 1.92 1.89
CA CYS A 38 -0.46 0.81 2.39
C CYS A 38 -1.37 0.30 1.27
N ARG A 39 -1.31 -0.98 0.98
CA ARG A 39 -2.13 -1.53 -0.07
C ARG A 39 -3.00 -2.66 0.46
N THR A 40 -4.29 -2.54 0.20
CA THR A 40 -5.27 -3.50 0.68
C THR A 40 -5.17 -4.81 -0.06
N ILE A 41 -5.21 -5.89 0.70
CA ILE A 41 -5.23 -7.24 0.14
C ILE A 41 -6.39 -7.39 -0.82
N GLN A 42 -6.08 -7.77 -2.05
CA GLN A 42 -7.05 -7.82 -3.13
C GLN A 42 -8.20 -8.76 -2.80
N PRO A 43 -9.37 -8.54 -3.43
CA PRO A 43 -10.59 -9.34 -3.20
C PRO A 43 -10.41 -10.83 -3.49
N SER A 44 -11.52 -11.56 -3.48
CA SER A 44 -11.52 -13.02 -3.65
C SER A 44 -10.63 -13.50 -4.79
N GLY A 45 -10.64 -12.78 -5.90
CA GLY A 45 -9.86 -13.18 -7.05
C GLY A 45 -8.37 -13.06 -6.80
N SER A 46 -7.68 -14.20 -6.85
CA SER A 46 -6.24 -14.29 -6.63
C SER A 46 -5.83 -13.69 -5.28
N ILE A 47 -4.54 -13.50 -5.11
CA ILE A 47 -4.00 -12.86 -3.93
C ILE A 47 -3.81 -11.36 -4.17
N ILE A 48 -3.11 -10.70 -3.26
CA ILE A 48 -2.79 -9.29 -3.44
C ILE A 48 -1.57 -9.12 -4.34
N ASP A 49 -0.63 -10.07 -4.22
CA ASP A 49 0.66 -10.01 -4.91
C ASP A 49 1.41 -8.75 -4.53
N PHE A 5 8.49 8.85 -7.24
CA PHE A 5 9.01 7.48 -7.43
C PHE A 5 8.45 6.53 -6.38
N PHE A 6 8.35 6.99 -5.14
CA PHE A 6 7.82 6.17 -4.05
C PHE A 6 6.37 5.80 -4.31
N ASP A 7 5.52 6.79 -4.51
CA ASP A 7 4.10 6.52 -4.72
C ASP A 7 3.79 6.20 -6.17
N GLU A 8 4.80 6.26 -7.01
CA GLU A 8 4.68 5.75 -8.36
C GLU A 8 4.57 4.24 -8.26
N LYS A 9 5.36 3.68 -7.37
CA LYS A 9 5.27 2.28 -7.02
C LYS A 9 3.94 2.03 -6.29
N CYS A 10 3.54 2.97 -5.44
CA CYS A 10 2.29 2.87 -4.70
C CYS A 10 1.11 2.72 -5.67
N ASN A 11 1.11 3.53 -6.72
CA ASN A 11 0.06 3.49 -7.73
C ASN A 11 0.07 2.16 -8.46
N LYS A 12 1.25 1.61 -8.67
CA LYS A 12 1.40 0.32 -9.35
C LYS A 12 0.86 -0.82 -8.47
N LEU A 13 1.00 -0.66 -7.17
CA LEU A 13 0.46 -1.63 -6.22
C LEU A 13 -1.01 -1.33 -5.91
N LYS A 14 -1.49 -0.22 -6.44
CA LYS A 14 -2.88 0.19 -6.31
C LYS A 14 -3.22 0.51 -4.86
N GLY A 15 -2.25 1.07 -4.15
CA GLY A 15 -2.46 1.43 -2.76
C GLY A 15 -2.45 2.93 -2.56
N THR A 16 -2.69 3.37 -1.33
CA THR A 16 -2.70 4.79 -1.02
C THR A 16 -1.75 5.07 0.14
N CYS A 17 -1.18 6.28 0.17
CA CYS A 17 -0.30 6.67 1.25
C CYS A 17 -1.13 7.18 2.42
N LYS A 18 -1.30 6.34 3.43
CA LYS A 18 -2.07 6.69 4.60
C LYS A 18 -1.22 6.54 5.85
N ASN A 19 -1.69 7.07 6.96
CA ASN A 19 -0.93 7.03 8.19
C ASN A 19 -0.95 5.63 8.79
N ASN A 20 -2.13 5.04 8.89
CA ASN A 20 -2.27 3.70 9.43
C ASN A 20 -3.01 2.82 8.43
N CYS A 21 -2.60 1.56 8.33
CA CYS A 21 -3.22 0.64 7.39
C CYS A 21 -4.62 0.29 7.86
N GLY A 22 -5.54 0.16 6.91
CA GLY A 22 -6.90 -0.20 7.22
C GLY A 22 -7.10 -1.70 7.25
N LYS A 23 -8.34 -2.13 7.10
CA LYS A 23 -8.67 -3.55 7.14
C LYS A 23 -7.89 -4.32 6.07
N ASN A 24 -7.14 -5.33 6.53
CA ASN A 24 -6.39 -6.23 5.66
C ASN A 24 -5.45 -5.47 4.71
N GLU A 25 -4.76 -4.48 5.25
CA GLU A 25 -3.78 -3.72 4.49
C GLU A 25 -2.40 -3.86 5.09
N GLU A 26 -1.41 -4.01 4.23
CA GLU A 26 -0.03 -4.14 4.65
C GLU A 26 0.75 -2.88 4.29
N LEU A 27 1.84 -2.63 5.01
CA LEU A 27 2.69 -1.48 4.73
C LEU A 27 3.65 -1.84 3.61
N ILE A 28 3.51 -1.14 2.51
CA ILE A 28 4.20 -1.50 1.28
C ILE A 28 5.38 -0.58 1.00
N ALA A 29 5.26 0.69 1.40
CA ALA A 29 6.27 1.68 1.08
C ALA A 29 6.13 2.89 1.97
N LEU A 30 7.09 3.79 1.86
CA LEU A 30 7.11 4.98 2.67
C LEU A 30 7.18 6.21 1.79
N CYS A 31 6.48 7.25 2.20
CA CYS A 31 6.31 8.44 1.39
C CYS A 31 6.65 9.70 2.18
N GLN A 32 6.47 10.85 1.54
CA GLN A 32 6.72 12.12 2.20
C GLN A 32 5.65 12.39 3.24
N LYS A 33 5.85 13.44 4.05
CA LYS A 33 4.94 13.79 5.14
C LYS A 33 4.84 12.66 6.17
N SER A 34 5.79 11.73 6.09
CA SER A 34 5.85 10.51 6.91
C SER A 34 4.63 9.62 6.68
N LEU A 35 4.00 9.75 5.52
CA LEU A 35 2.92 8.85 5.12
C LEU A 35 3.50 7.53 4.61
N LYS A 36 2.74 6.46 4.75
CA LYS A 36 3.18 5.16 4.25
C LYS A 36 2.14 4.55 3.32
N CYS A 37 2.61 3.85 2.32
CA CYS A 37 1.73 3.29 1.31
C CYS A 37 1.17 1.97 1.79
N CYS A 38 -0.14 1.82 1.72
CA CYS A 38 -0.79 0.61 2.15
C CYS A 38 -1.59 0.01 1.00
N ARG A 39 -1.47 -1.30 0.83
CA ARG A 39 -2.22 -1.98 -0.22
C ARG A 39 -3.16 -3.00 0.41
N THR A 40 -4.40 -3.02 -0.06
CA THR A 40 -5.40 -3.91 0.48
C THR A 40 -5.28 -5.29 -0.15
N ILE A 41 -5.06 -6.29 0.69
CA ILE A 41 -4.90 -7.65 0.24
C ILE A 41 -6.16 -8.19 -0.41
N GLN A 42 -6.09 -8.29 -1.71
CA GLN A 42 -7.19 -8.81 -2.51
C GLN A 42 -6.80 -10.15 -3.10
N PRO A 43 -7.73 -11.10 -3.21
CA PRO A 43 -7.46 -12.41 -3.80
C PRO A 43 -7.16 -12.28 -5.30
N SER A 44 -5.95 -12.64 -5.68
CA SER A 44 -5.51 -12.50 -7.06
C SER A 44 -4.07 -12.99 -7.18
N GLY A 45 -3.66 -13.28 -8.40
CA GLY A 45 -2.30 -13.75 -8.63
C GLY A 45 -1.32 -12.61 -8.74
N SER A 46 -0.26 -12.67 -7.95
CA SER A 46 0.79 -11.66 -7.96
C SER A 46 0.24 -10.30 -7.52
N ILE A 47 0.86 -9.23 -8.03
CA ILE A 47 0.49 -7.85 -7.72
C ILE A 47 0.98 -7.48 -6.33
N ILE A 48 0.27 -7.92 -5.31
CA ILE A 48 0.60 -7.54 -3.93
C ILE A 48 1.55 -8.55 -3.30
N ASP A 49 2.31 -9.24 -4.13
CA ASP A 49 3.29 -10.21 -3.66
C ASP A 49 4.69 -9.71 -3.94
N PHE A 5 9.64 6.96 -7.44
CA PHE A 5 10.25 5.62 -7.43
C PHE A 5 9.49 4.67 -6.52
N PHE A 6 9.72 4.80 -5.21
CA PHE A 6 9.12 3.90 -4.23
C PHE A 6 7.60 3.95 -4.31
N ASP A 7 7.05 5.16 -4.32
CA ASP A 7 5.61 5.31 -4.41
C ASP A 7 5.15 5.42 -5.85
N GLU A 8 6.06 5.19 -6.78
CA GLU A 8 5.68 4.96 -8.17
C GLU A 8 5.23 3.52 -8.27
N LYS A 9 5.94 2.66 -7.53
CA LYS A 9 5.51 1.30 -7.31
C LYS A 9 4.17 1.30 -6.58
N CYS A 10 4.04 2.20 -5.61
CA CYS A 10 2.79 2.37 -4.88
C CYS A 10 1.68 2.78 -5.83
N ASN A 11 1.99 3.71 -6.73
CA ASN A 11 1.05 4.19 -7.74
C ASN A 11 0.55 3.04 -8.61
N LYS A 12 1.50 2.32 -9.20
CA LYS A 12 1.18 1.19 -10.07
C LYS A 12 0.39 0.12 -9.31
N LEU A 13 0.86 -0.22 -8.11
CA LEU A 13 0.25 -1.25 -7.30
C LEU A 13 -1.08 -0.78 -6.70
N LYS A 14 -1.37 0.50 -6.88
CA LYS A 14 -2.63 1.11 -6.44
C LYS A 14 -2.73 1.13 -4.92
N GLY A 15 -1.58 1.34 -4.29
CA GLY A 15 -1.55 1.46 -2.84
C GLY A 15 -1.83 2.87 -2.40
N THR A 16 -2.48 3.01 -1.26
CA THR A 16 -2.83 4.32 -0.75
C THR A 16 -1.87 4.77 0.33
N CYS A 17 -1.40 5.99 0.21
CA CYS A 17 -0.51 6.55 1.21
C CYS A 17 -1.34 7.13 2.34
N LYS A 18 -1.34 6.42 3.46
CA LYS A 18 -2.16 6.80 4.61
C LYS A 18 -1.32 6.75 5.87
N ASN A 19 -1.89 7.16 6.99
CA ASN A 19 -1.14 7.17 8.23
C ASN A 19 -0.99 5.74 8.75
N ASN A 20 -2.13 5.12 9.02
CA ASN A 20 -2.16 3.75 9.53
C ASN A 20 -2.89 2.83 8.55
N CYS A 21 -2.53 1.56 8.57
CA CYS A 21 -3.12 0.59 7.64
C CYS A 21 -4.55 0.24 8.04
N GLY A 22 -5.42 0.16 7.03
CA GLY A 22 -6.82 -0.18 7.26
C GLY A 22 -7.07 -1.67 7.15
N LYS A 23 -8.33 -2.03 6.90
CA LYS A 23 -8.72 -3.44 6.83
C LYS A 23 -7.98 -4.16 5.70
N ASN A 24 -7.38 -5.30 6.04
CA ASN A 24 -6.64 -6.12 5.07
C ASN A 24 -5.60 -5.30 4.33
N GLU A 25 -4.79 -4.56 5.06
CA GLU A 25 -3.75 -3.75 4.44
C GLU A 25 -2.39 -4.03 5.06
N GLU A 26 -1.35 -3.75 4.30
CA GLU A 26 0.02 -3.92 4.76
C GLU A 26 0.86 -2.72 4.33
N LEU A 27 2.01 -2.54 4.96
CA LEU A 27 2.93 -1.48 4.56
C LEU A 27 3.75 -1.96 3.38
N ILE A 28 3.88 -1.11 2.39
CA ILE A 28 4.49 -1.49 1.12
C ILE A 28 5.66 -0.56 0.78
N ALA A 29 5.54 0.69 1.18
CA ALA A 29 6.52 1.72 0.82
C ALA A 29 6.30 2.97 1.64
N LEU A 30 7.20 3.92 1.50
CA LEU A 30 7.14 5.15 2.28
C LEU A 30 6.99 6.36 1.37
N CYS A 31 6.20 7.32 1.83
CA CYS A 31 5.99 8.57 1.12
C CYS A 31 6.42 9.75 1.96
N GLN A 32 6.43 10.93 1.37
CA GLN A 32 6.74 12.14 2.10
C GLN A 32 5.58 12.50 3.01
N LYS A 33 5.77 13.48 3.88
CA LYS A 33 4.76 13.89 4.85
C LYS A 33 4.54 12.78 5.88
N SER A 34 5.48 11.84 5.90
CA SER A 34 5.46 10.65 6.77
C SER A 34 4.21 9.78 6.52
N LEU A 35 3.77 9.74 5.26
CA LEU A 35 2.69 8.84 4.86
C LEU A 35 3.23 7.44 4.55
N LYS A 36 2.49 6.44 4.97
CA LYS A 36 2.85 5.05 4.73
C LYS A 36 2.01 4.47 3.60
N CYS A 37 2.66 3.88 2.60
CA CYS A 37 1.95 3.28 1.50
C CYS A 37 1.34 1.96 1.94
N CYS A 38 0.04 1.92 2.07
CA CYS A 38 -0.66 0.72 2.48
C CYS A 38 -1.51 0.20 1.33
N ARG A 39 -1.32 -1.07 0.98
CA ARG A 39 -2.09 -1.68 -0.10
C ARG A 39 -3.17 -2.57 0.49
N THR A 40 -4.36 -2.48 -0.08
CA THR A 40 -5.49 -3.27 0.38
C THR A 40 -5.48 -4.63 -0.29
N ILE A 41 -5.36 -5.67 0.51
CA ILE A 41 -5.24 -7.02 0.02
C ILE A 41 -6.55 -7.53 -0.57
N GLN A 42 -6.47 -8.02 -1.80
CA GLN A 42 -7.63 -8.55 -2.51
C GLN A 42 -7.76 -10.06 -2.27
N PRO A 43 -9.00 -10.58 -2.24
CA PRO A 43 -9.24 -12.01 -2.09
C PRO A 43 -8.84 -12.79 -3.34
N SER A 44 -8.03 -13.82 -3.14
CA SER A 44 -7.57 -14.68 -4.23
C SER A 44 -6.96 -15.93 -3.63
N GLY A 45 -6.25 -16.72 -4.43
CA GLY A 45 -5.58 -17.88 -3.89
C GLY A 45 -4.49 -17.47 -2.94
N SER A 46 -4.64 -17.86 -1.67
CA SER A 46 -3.79 -17.38 -0.59
C SER A 46 -3.47 -15.90 -0.71
N ILE A 47 -4.44 -15.11 -0.29
CA ILE A 47 -4.39 -13.64 -0.33
C ILE A 47 -3.62 -13.08 -1.53
N ILE A 48 -2.35 -12.73 -1.33
CA ILE A 48 -1.55 -12.13 -2.39
C ILE A 48 -0.21 -12.83 -2.54
N ASP A 49 -0.10 -14.05 -2.07
CA ASP A 49 1.13 -14.81 -2.19
C ASP A 49 0.83 -16.27 -2.50
N PHE A 5 7.17 10.59 -5.75
CA PHE A 5 8.18 9.68 -6.33
C PHE A 5 7.83 8.22 -6.03
N PHE A 6 8.21 7.75 -4.85
CA PHE A 6 7.94 6.37 -4.45
C PHE A 6 6.44 6.12 -4.34
N ASP A 7 5.68 7.20 -4.16
CA ASP A 7 4.23 7.08 -4.10
C ASP A 7 3.61 7.24 -5.47
N GLU A 8 4.43 7.47 -6.46
CA GLU A 8 3.99 7.33 -7.84
C GLU A 8 3.99 5.84 -8.15
N LYS A 9 4.96 5.17 -7.55
CA LYS A 9 5.00 3.71 -7.53
C LYS A 9 3.83 3.19 -6.70
N CYS A 10 3.45 3.94 -5.67
CA CYS A 10 2.28 3.60 -4.85
C CYS A 10 1.03 3.51 -5.72
N ASN A 11 0.86 4.48 -6.61
CA ASN A 11 -0.25 4.49 -7.55
C ASN A 11 -0.22 3.25 -8.43
N LYS A 12 0.99 2.89 -8.84
CA LYS A 12 1.21 1.73 -9.69
C LYS A 12 0.76 0.44 -9.00
N LEU A 13 0.99 0.34 -7.70
CA LEU A 13 0.61 -0.85 -6.94
C LEU A 13 -0.82 -0.76 -6.44
N LYS A 14 -1.44 0.41 -6.65
CA LYS A 14 -2.81 0.66 -6.21
C LYS A 14 -2.88 0.73 -4.69
N GLY A 15 -1.79 1.18 -4.10
CA GLY A 15 -1.74 1.32 -2.65
C GLY A 15 -2.19 2.70 -2.24
N THR A 16 -2.35 2.91 -0.95
CA THR A 16 -2.75 4.20 -0.42
C THR A 16 -1.86 4.65 0.72
N CYS A 17 -1.39 5.89 0.64
CA CYS A 17 -0.57 6.46 1.70
C CYS A 17 -1.45 7.08 2.77
N LYS A 18 -1.62 6.35 3.87
CA LYS A 18 -2.29 6.91 5.02
C LYS A 18 -1.38 6.83 6.23
N ASN A 19 -1.83 7.39 7.33
CA ASN A 19 -1.08 7.30 8.57
C ASN A 19 -1.26 5.92 9.17
N ASN A 20 -2.44 5.38 8.96
CA ASN A 20 -2.78 4.05 9.45
C ASN A 20 -3.13 3.12 8.29
N CYS A 21 -2.83 1.85 8.44
CA CYS A 21 -3.17 0.86 7.42
C CYS A 21 -4.61 0.40 7.61
N GLY A 22 -5.29 0.18 6.51
CA GLY A 22 -6.69 -0.19 6.56
C GLY A 22 -6.89 -1.69 6.61
N LYS A 23 -8.10 -2.13 6.24
CA LYS A 23 -8.48 -3.54 6.28
C LYS A 23 -7.54 -4.38 5.40
N ASN A 24 -6.97 -5.42 6.00
CA ASN A 24 -6.15 -6.40 5.28
C ASN A 24 -4.97 -5.73 4.56
N GLU A 25 -4.51 -4.62 5.09
CA GLU A 25 -3.46 -3.86 4.45
C GLU A 25 -2.10 -4.11 5.09
N GLU A 26 -1.09 -4.23 4.24
CA GLU A 26 0.29 -4.38 4.69
C GLU A 26 1.08 -3.14 4.28
N LEU A 27 2.26 -2.97 4.89
CA LEU A 27 3.11 -1.84 4.58
C LEU A 27 3.98 -2.16 3.38
N ILE A 28 3.81 -1.41 2.30
CA ILE A 28 4.43 -1.74 1.05
C ILE A 28 5.55 -0.75 0.73
N ALA A 29 5.44 0.47 1.25
CA ALA A 29 6.42 1.51 0.95
C ALA A 29 6.23 2.72 1.85
N LEU A 30 7.21 3.59 1.83
CA LEU A 30 7.16 4.84 2.57
C LEU A 30 7.00 6.00 1.60
N CYS A 31 5.96 6.79 1.81
CA CYS A 31 5.66 7.90 0.92
C CYS A 31 6.16 9.22 1.51
N GLN A 32 5.95 10.31 0.79
CA GLN A 32 6.40 11.62 1.27
C GLN A 32 5.60 12.03 2.50
N LYS A 33 6.08 13.08 3.16
CA LYS A 33 5.53 13.54 4.44
C LYS A 33 5.61 12.44 5.50
N SER A 34 6.40 11.41 5.19
CA SER A 34 6.59 10.25 6.06
C SER A 34 5.32 9.40 6.13
N LEU A 35 4.55 9.41 5.05
CA LEU A 35 3.35 8.59 4.96
C LEU A 35 3.69 7.13 4.71
N LYS A 36 2.75 6.26 5.01
CA LYS A 36 2.93 4.83 4.83
C LYS A 36 2.03 4.29 3.73
N CYS A 37 2.64 3.71 2.70
CA CYS A 37 1.88 3.14 1.61
C CYS A 37 1.37 1.77 1.99
N CYS A 38 0.07 1.65 2.06
CA CYS A 38 -0.55 0.40 2.46
C CYS A 38 -1.41 -0.15 1.31
N ARG A 39 -1.35 -1.46 1.10
CA ARG A 39 -2.13 -2.08 0.03
C ARG A 39 -3.14 -3.06 0.60
N THR A 40 -4.36 -2.98 0.10
CA THR A 40 -5.47 -3.80 0.59
C THR A 40 -5.43 -5.18 -0.03
N ILE A 41 -4.86 -6.12 0.69
CA ILE A 41 -4.72 -7.48 0.22
C ILE A 41 -6.04 -8.23 0.21
N GLN A 42 -6.42 -8.73 -0.95
CA GLN A 42 -7.63 -9.52 -1.10
C GLN A 42 -7.30 -11.00 -1.01
N PRO A 43 -8.21 -11.81 -0.46
CA PRO A 43 -8.02 -13.27 -0.34
C PRO A 43 -7.88 -13.93 -1.71
N SER A 44 -6.99 -14.93 -1.79
CA SER A 44 -6.70 -15.62 -3.04
C SER A 44 -5.92 -14.72 -3.99
N GLY A 45 -5.34 -15.30 -5.01
CA GLY A 45 -4.53 -14.53 -5.92
C GLY A 45 -5.34 -13.96 -7.07
N SER A 46 -5.39 -12.64 -7.13
CA SER A 46 -6.10 -11.90 -8.18
C SER A 46 -6.21 -10.44 -7.76
N ILE A 47 -6.10 -9.55 -8.73
CA ILE A 47 -6.16 -8.09 -8.51
C ILE A 47 -4.91 -7.59 -7.80
N ILE A 48 -4.65 -8.15 -6.62
CA ILE A 48 -3.50 -7.78 -5.82
C ILE A 48 -2.88 -9.03 -5.18
N ASP A 49 -1.56 -9.09 -5.20
CA ASP A 49 -0.83 -10.18 -4.58
C ASP A 49 0.53 -9.67 -4.13
N PHE A 5 8.22 9.78 -6.94
CA PHE A 5 8.76 8.41 -7.01
C PHE A 5 7.99 7.47 -6.09
N PHE A 6 7.95 7.78 -4.79
CA PHE A 6 7.31 6.92 -3.80
C PHE A 6 5.89 6.54 -4.21
N ASP A 7 5.03 7.52 -4.36
CA ASP A 7 3.63 7.23 -4.66
C ASP A 7 3.37 7.15 -6.15
N GLU A 8 4.41 7.31 -6.95
CA GLU A 8 4.32 7.00 -8.36
C GLU A 8 4.21 5.49 -8.48
N LYS A 9 5.06 4.81 -7.73
CA LYS A 9 4.99 3.37 -7.62
C LYS A 9 3.72 2.96 -6.89
N CYS A 10 3.31 3.75 -5.89
CA CYS A 10 2.10 3.46 -5.12
C CYS A 10 0.90 3.36 -6.05
N ASN A 11 0.76 4.35 -6.92
CA ASN A 11 -0.34 4.42 -7.88
C ASN A 11 -0.35 3.19 -8.79
N LYS A 12 0.81 2.91 -9.38
CA LYS A 12 0.96 1.80 -10.29
C LYS A 12 0.70 0.47 -9.59
N LEU A 13 1.25 0.33 -8.40
CA LEU A 13 1.22 -0.89 -7.63
C LEU A 13 -0.12 -1.08 -6.91
N LYS A 14 -1.02 -0.12 -7.10
CA LYS A 14 -2.41 -0.23 -6.63
C LYS A 14 -2.48 -0.12 -5.10
N GLY A 15 -1.76 0.84 -4.55
CA GLY A 15 -1.80 1.09 -3.14
C GLY A 15 -2.14 2.54 -2.84
N THR A 16 -2.42 2.84 -1.59
CA THR A 16 -2.71 4.20 -1.18
C THR A 16 -1.86 4.61 0.02
N CYS A 17 -1.29 5.82 -0.03
CA CYS A 17 -0.46 6.29 1.06
C CYS A 17 -1.31 6.84 2.17
N LYS A 18 -1.31 6.13 3.29
CA LYS A 18 -2.04 6.56 4.47
C LYS A 18 -1.16 6.44 5.69
N ASN A 19 -1.65 6.87 6.83
CA ASN A 19 -0.85 6.83 8.04
C ASN A 19 -0.91 5.45 8.67
N ASN A 20 -2.12 4.96 8.93
CA ASN A 20 -2.30 3.65 9.54
C ASN A 20 -2.99 2.71 8.55
N CYS A 21 -2.59 1.45 8.54
CA CYS A 21 -3.13 0.47 7.62
C CYS A 21 -4.53 0.05 8.05
N GLY A 22 -5.45 0.05 7.09
CA GLY A 22 -6.82 -0.33 7.36
C GLY A 22 -7.06 -1.82 7.17
N LYS A 23 -8.32 -2.17 6.90
CA LYS A 23 -8.75 -3.56 6.72
C LYS A 23 -7.76 -4.37 5.88
N ASN A 24 -7.07 -5.29 6.55
CA ASN A 24 -6.12 -6.20 5.90
C ASN A 24 -5.23 -5.45 4.90
N GLU A 25 -4.53 -4.44 5.40
CA GLU A 25 -3.59 -3.70 4.58
C GLU A 25 -2.16 -3.99 4.98
N GLU A 26 -1.27 -4.05 4.01
CA GLU A 26 0.14 -4.30 4.26
C GLU A 26 0.96 -3.03 4.01
N LEU A 27 2.02 -2.84 4.78
CA LEU A 27 2.87 -1.68 4.60
C LEU A 27 4.01 -2.04 3.66
N ILE A 28 4.05 -1.38 2.53
CA ILE A 28 4.92 -1.80 1.43
C ILE A 28 6.00 -0.77 1.14
N ALA A 29 5.75 0.48 1.53
CA ALA A 29 6.71 1.55 1.29
C ALA A 29 6.45 2.70 2.24
N LEU A 30 7.45 3.54 2.39
CA LEU A 30 7.35 4.68 3.27
C LEU A 30 7.45 5.97 2.47
N CYS A 31 6.42 6.79 2.55
CA CYS A 31 6.28 7.97 1.71
C CYS A 31 6.66 9.24 2.47
N GLN A 32 6.59 10.37 1.79
CA GLN A 32 6.88 11.64 2.43
C GLN A 32 5.64 12.16 3.14
N LYS A 33 5.81 13.24 3.91
CA LYS A 33 4.74 13.83 4.70
C LYS A 33 4.29 12.88 5.80
N SER A 34 5.13 11.89 6.06
CA SER A 34 4.90 10.87 7.09
C SER A 34 3.90 9.80 6.62
N LEU A 35 3.36 9.94 5.42
CA LEU A 35 2.52 8.92 4.84
C LEU A 35 3.34 7.70 4.46
N LYS A 36 2.72 6.55 4.38
CA LYS A 36 3.36 5.37 3.86
C LYS A 36 2.36 4.53 3.07
N CYS A 37 2.88 3.70 2.17
CA CYS A 37 2.05 3.00 1.21
C CYS A 37 1.41 1.77 1.82
N CYS A 38 0.11 1.82 1.99
CA CYS A 38 -0.65 0.68 2.44
C CYS A 38 -1.45 0.11 1.28
N ARG A 39 -1.33 -1.19 1.06
CA ARG A 39 -2.05 -1.85 0.00
C ARG A 39 -3.15 -2.71 0.60
N THR A 40 -4.38 -2.47 0.17
CA THR A 40 -5.51 -3.23 0.65
C THR A 40 -5.57 -4.59 -0.05
N ILE A 41 -5.35 -5.63 0.73
CA ILE A 41 -5.30 -6.99 0.22
C ILE A 41 -6.67 -7.40 -0.31
N GLN A 42 -6.68 -7.96 -1.50
CA GLN A 42 -7.91 -8.44 -2.10
C GLN A 42 -8.31 -9.77 -1.47
N PRO A 43 -9.63 -10.05 -1.41
CA PRO A 43 -10.14 -11.31 -0.88
C PRO A 43 -9.43 -12.52 -1.47
N SER A 44 -8.95 -13.41 -0.59
CA SER A 44 -8.15 -14.56 -0.97
C SER A 44 -6.74 -14.15 -1.39
N GLY A 45 -5.75 -14.71 -0.70
CA GLY A 45 -4.37 -14.32 -0.87
C GLY A 45 -3.84 -14.59 -2.26
N SER A 46 -3.41 -13.52 -2.92
CA SER A 46 -2.79 -13.61 -4.24
C SER A 46 -1.70 -12.56 -4.33
N ILE A 47 -0.54 -12.94 -4.84
CA ILE A 47 0.60 -12.04 -5.04
C ILE A 47 1.27 -11.67 -3.71
N ILE A 48 0.47 -11.24 -2.75
CA ILE A 48 0.96 -10.78 -1.46
C ILE A 48 1.64 -11.91 -0.69
N ASP A 49 2.38 -11.53 0.35
CA ASP A 49 3.05 -12.51 1.19
C ASP A 49 2.21 -12.80 2.42
N PHE A 5 9.87 5.28 -7.80
CA PHE A 5 9.58 3.87 -8.12
C PHE A 5 8.73 3.21 -7.03
N PHE A 6 9.05 3.50 -5.76
CA PHE A 6 8.35 2.87 -4.63
C PHE A 6 6.83 3.04 -4.72
N ASP A 7 6.35 4.27 -4.73
CA ASP A 7 4.91 4.50 -4.78
C ASP A 7 4.40 4.57 -6.20
N GLU A 8 5.31 4.47 -7.14
CA GLU A 8 4.94 4.23 -8.53
C GLU A 8 4.38 2.82 -8.61
N LYS A 9 5.06 1.93 -7.91
CA LYS A 9 4.59 0.57 -7.72
C LYS A 9 3.29 0.59 -6.92
N CYS A 10 3.22 1.50 -5.94
CA CYS A 10 2.03 1.64 -5.11
C CYS A 10 0.81 1.98 -5.97
N ASN A 11 1.01 2.86 -6.94
CA ASN A 11 -0.05 3.28 -7.86
C ASN A 11 -0.55 2.07 -8.64
N LYS A 12 0.38 1.26 -9.08
CA LYS A 12 0.05 0.04 -9.82
C LYS A 12 -0.81 -0.90 -8.97
N LEU A 13 -0.43 -1.06 -7.70
CA LEU A 13 -1.16 -1.92 -6.78
C LEU A 13 -2.41 -1.21 -6.24
N LYS A 14 -2.56 0.04 -6.63
CA LYS A 14 -3.71 0.85 -6.23
C LYS A 14 -3.73 1.09 -4.73
N GLY A 15 -2.56 1.28 -4.15
CA GLY A 15 -2.44 1.56 -2.74
C GLY A 15 -2.53 3.04 -2.46
N THR A 16 -3.01 3.38 -1.28
CA THR A 16 -3.20 4.77 -0.90
C THR A 16 -2.16 5.20 0.13
N CYS A 17 -1.81 6.49 0.09
CA CYS A 17 -0.92 7.05 1.09
C CYS A 17 -1.69 7.36 2.36
N LYS A 18 -1.49 6.52 3.36
CA LYS A 18 -2.11 6.70 4.65
C LYS A 18 -1.09 6.43 5.74
N ASN A 19 -1.37 6.94 6.92
CA ASN A 19 -0.46 6.76 8.04
C ASN A 19 -0.69 5.42 8.71
N ASN A 20 -1.97 5.13 8.91
CA ASN A 20 -2.38 3.88 9.53
C ASN A 20 -3.06 2.99 8.50
N CYS A 21 -2.59 1.75 8.39
CA CYS A 21 -3.13 0.81 7.42
C CYS A 21 -4.52 0.38 7.85
N GLY A 22 -5.43 0.32 6.89
CA GLY A 22 -6.81 0.00 7.18
C GLY A 22 -7.11 -1.47 7.03
N LYS A 23 -8.39 -1.77 6.82
CA LYS A 23 -8.86 -3.14 6.67
C LYS A 23 -8.00 -3.95 5.70
N ASN A 24 -7.36 -5.00 6.24
CA ASN A 24 -6.59 -5.96 5.46
C ASN A 24 -5.56 -5.26 4.58
N GLU A 25 -4.73 -4.43 5.19
CA GLU A 25 -3.70 -3.71 4.46
C GLU A 25 -2.33 -3.94 5.08
N GLU A 26 -1.30 -3.63 4.31
CA GLU A 26 0.07 -3.72 4.79
C GLU A 26 0.87 -2.49 4.36
N LEU A 27 1.94 -2.21 5.08
CA LEU A 27 2.83 -1.12 4.72
C LEU A 27 3.76 -1.57 3.61
N ILE A 28 3.60 -0.99 2.44
CA ILE A 28 4.34 -1.41 1.26
C ILE A 28 5.52 -0.47 0.99
N ALA A 29 5.31 0.82 1.24
CA ALA A 29 6.32 1.82 0.94
C ALA A 29 6.14 3.04 1.82
N LEU A 30 7.14 3.88 1.86
CA LEU A 30 7.12 5.05 2.72
C LEU A 30 6.89 6.30 1.89
N CYS A 31 6.08 7.20 2.42
CA CYS A 31 5.73 8.43 1.73
C CYS A 31 6.30 9.64 2.45
N GLN A 32 6.23 10.80 1.82
CA GLN A 32 6.65 12.04 2.44
C GLN A 32 5.66 12.45 3.51
N LYS A 33 6.01 13.50 4.26
CA LYS A 33 5.21 14.02 5.38
C LYS A 33 4.81 12.92 6.36
N SER A 34 5.66 11.92 6.39
CA SER A 34 5.56 10.79 7.32
C SER A 34 4.39 9.86 6.99
N LEU A 35 3.90 9.91 5.77
CA LEU A 35 2.88 8.98 5.31
C LEU A 35 3.50 7.68 4.85
N LYS A 36 2.64 6.75 4.46
CA LYS A 36 3.08 5.43 4.02
C LYS A 36 2.14 4.91 2.95
N CYS A 37 2.65 4.04 2.09
CA CYS A 37 1.83 3.39 1.09
C CYS A 37 1.24 2.11 1.67
N CYS A 38 -0.07 2.04 1.74
CA CYS A 38 -0.73 0.86 2.23
C CYS A 38 -1.58 0.23 1.14
N ARG A 39 -1.41 -1.05 0.93
CA ARG A 39 -2.15 -1.76 -0.11
C ARG A 39 -3.13 -2.75 0.51
N THR A 40 -4.34 -2.79 -0.03
CA THR A 40 -5.34 -3.73 0.43
C THR A 40 -5.08 -5.11 -0.17
N ILE A 41 -4.93 -6.09 0.71
CA ILE A 41 -4.61 -7.45 0.31
C ILE A 41 -5.76 -8.10 -0.45
N GLN A 42 -5.64 -8.11 -1.76
CA GLN A 42 -6.63 -8.75 -2.61
C GLN A 42 -6.13 -10.13 -3.04
N PRO A 43 -7.00 -11.15 -2.95
CA PRO A 43 -6.64 -12.53 -3.30
C PRO A 43 -6.09 -12.63 -4.72
N SER A 44 -4.83 -13.05 -4.82
CA SER A 44 -4.13 -13.11 -6.10
C SER A 44 -2.93 -14.05 -5.99
N GLY A 45 -2.37 -14.41 -7.12
CA GLY A 45 -1.21 -15.27 -7.13
C GLY A 45 0.07 -14.48 -6.95
N SER A 46 0.93 -14.96 -6.06
CA SER A 46 2.20 -14.30 -5.73
C SER A 46 1.95 -13.00 -4.97
N ILE A 47 3.04 -12.33 -4.57
CA ILE A 47 2.97 -11.11 -3.77
C ILE A 47 2.56 -11.42 -2.33
N ILE A 48 1.39 -12.03 -2.17
CA ILE A 48 0.90 -12.43 -0.86
C ILE A 48 -0.06 -13.61 -1.01
N ASP A 49 -0.15 -14.43 0.02
CA ASP A 49 -0.98 -15.62 -0.03
C ASP A 49 -2.25 -15.41 0.77
N PHE A 5 8.32 7.24 -7.79
CA PHE A 5 8.85 5.90 -7.47
C PHE A 5 8.06 5.23 -6.36
N PHE A 6 8.12 5.79 -5.16
CA PHE A 6 7.49 5.18 -3.99
C PHE A 6 6.00 4.99 -4.20
N ASP A 7 5.29 6.05 -4.53
CA ASP A 7 3.86 5.94 -4.72
C ASP A 7 3.50 5.65 -6.17
N GLU A 8 4.50 5.55 -7.02
CA GLU A 8 4.27 5.04 -8.36
C GLU A 8 4.00 3.55 -8.23
N LYS A 9 4.74 2.93 -7.31
CA LYS A 9 4.50 1.58 -6.88
C LYS A 9 3.14 1.49 -6.19
N CYS A 10 2.88 2.47 -5.32
CA CYS A 10 1.63 2.51 -4.57
C CYS A 10 0.43 2.52 -5.52
N ASN A 11 0.49 3.37 -6.54
CA ASN A 11 -0.55 3.46 -7.55
C ASN A 11 -0.75 2.13 -8.25
N LYS A 12 0.37 1.49 -8.57
CA LYS A 12 0.36 0.18 -9.22
C LYS A 12 -0.42 -0.85 -8.39
N LEU A 13 -0.18 -0.83 -7.09
CA LEU A 13 -0.87 -1.77 -6.18
C LEU A 13 -2.24 -1.25 -5.78
N LYS A 14 -2.55 -0.03 -6.23
CA LYS A 14 -3.82 0.63 -5.94
C LYS A 14 -3.96 0.91 -4.45
N GLY A 15 -2.85 1.23 -3.83
CA GLY A 15 -2.85 1.55 -2.42
C GLY A 15 -2.84 3.04 -2.18
N THR A 16 -2.98 3.44 -0.94
CA THR A 16 -3.00 4.85 -0.59
C THR A 16 -1.91 5.17 0.43
N CYS A 17 -1.37 6.39 0.38
CA CYS A 17 -0.42 6.82 1.37
C CYS A 17 -1.16 7.42 2.56
N LYS A 18 -1.29 6.64 3.62
CA LYS A 18 -2.00 7.07 4.80
C LYS A 18 -1.11 6.98 6.02
N ASN A 19 -1.62 7.43 7.15
CA ASN A 19 -0.93 7.29 8.41
C ASN A 19 -1.03 5.85 8.86
N ASN A 20 -2.25 5.33 8.78
CA ASN A 20 -2.56 4.00 9.27
C ASN A 20 -3.03 3.09 8.13
N CYS A 21 -2.74 1.81 8.26
CA CYS A 21 -3.21 0.83 7.29
C CYS A 21 -4.65 0.45 7.61
N GLY A 22 -5.43 0.22 6.58
CA GLY A 22 -6.84 -0.13 6.76
C GLY A 22 -7.02 -1.61 6.94
N LYS A 23 -8.24 -2.08 6.69
CA LYS A 23 -8.54 -3.50 6.82
C LYS A 23 -7.80 -4.31 5.76
N ASN A 24 -7.13 -5.37 6.21
CA ASN A 24 -6.41 -6.28 5.33
C ASN A 24 -5.43 -5.53 4.44
N GLU A 25 -4.51 -4.81 5.06
CA GLU A 25 -3.53 -4.01 4.33
C GLU A 25 -2.12 -4.20 4.91
N GLU A 26 -1.13 -4.09 4.04
CA GLU A 26 0.26 -4.17 4.46
C GLU A 26 0.99 -2.89 4.08
N LEU A 27 2.13 -2.66 4.72
CA LEU A 27 2.94 -1.48 4.44
C LEU A 27 3.87 -1.77 3.26
N ILE A 28 3.56 -1.15 2.14
CA ILE A 28 4.22 -1.47 0.89
C ILE A 28 5.36 -0.51 0.59
N ALA A 29 5.26 0.71 1.12
CA ALA A 29 6.26 1.73 0.87
C ALA A 29 6.12 2.89 1.84
N LEU A 30 7.16 3.68 1.92
CA LEU A 30 7.17 4.85 2.78
C LEU A 30 7.32 6.10 1.93
N CYS A 31 6.48 7.06 2.22
CA CYS A 31 6.37 8.26 1.41
C CYS A 31 6.84 9.49 2.18
N GLN A 32 6.71 10.66 1.56
CA GLN A 32 7.08 11.90 2.21
C GLN A 32 5.97 12.34 3.14
N LYS A 33 6.24 13.34 3.96
CA LYS A 33 5.27 13.86 4.94
C LYS A 33 4.98 12.80 6.00
N SER A 34 5.81 11.76 6.00
CA SER A 34 5.70 10.63 6.93
C SER A 34 4.48 9.74 6.61
N LEU A 35 3.95 9.85 5.39
CA LEU A 35 2.87 8.98 4.96
C LEU A 35 3.41 7.62 4.51
N LYS A 36 2.58 6.59 4.63
CA LYS A 36 2.96 5.24 4.27
C LYS A 36 1.98 4.63 3.27
N CYS A 37 2.51 3.91 2.30
CA CYS A 37 1.69 3.29 1.29
C CYS A 37 1.14 1.97 1.79
N CYS A 38 -0.18 1.88 1.86
CA CYS A 38 -0.84 0.67 2.32
C CYS A 38 -1.70 0.09 1.20
N ARG A 39 -1.50 -1.17 0.88
CA ARG A 39 -2.27 -1.82 -0.18
C ARG A 39 -3.22 -2.85 0.41
N THR A 40 -4.42 -2.90 -0.13
CA THR A 40 -5.43 -3.84 0.32
C THR A 40 -5.18 -5.22 -0.29
N ILE A 41 -4.90 -6.18 0.57
CA ILE A 41 -4.53 -7.52 0.14
C ILE A 41 -5.65 -8.18 -0.66
N GLN A 42 -5.27 -8.86 -1.74
CA GLN A 42 -6.18 -9.71 -2.47
C GLN A 42 -6.11 -11.12 -1.90
N PRO A 43 -7.25 -11.73 -1.57
CA PRO A 43 -7.29 -13.07 -0.96
C PRO A 43 -6.65 -14.11 -1.86
N SER A 44 -5.56 -14.71 -1.37
CA SER A 44 -4.84 -15.72 -2.11
C SER A 44 -3.63 -16.16 -1.29
N GLY A 45 -3.02 -17.27 -1.68
CA GLY A 45 -1.84 -17.77 -0.98
C GLY A 45 -0.57 -17.18 -1.54
N SER A 46 0.36 -16.84 -0.65
CA SER A 46 1.63 -16.23 -1.05
C SER A 46 1.36 -14.89 -1.75
N ILE A 47 2.23 -14.52 -2.69
CA ILE A 47 2.08 -13.30 -3.49
C ILE A 47 2.42 -12.04 -2.67
N ILE A 48 1.77 -11.89 -1.53
CA ILE A 48 2.02 -10.76 -0.66
C ILE A 48 3.12 -11.10 0.33
N ASP A 49 3.62 -10.08 1.04
CA ASP A 49 4.68 -10.29 2.01
C ASP A 49 4.24 -9.81 3.38
N PHE A 5 9.28 9.10 -6.02
CA PHE A 5 9.24 7.79 -6.72
C PHE A 5 8.73 6.67 -5.81
N PHE A 6 8.88 6.85 -4.49
CA PHE A 6 8.42 5.85 -3.53
C PHE A 6 6.95 5.50 -3.75
N ASP A 7 6.08 6.50 -3.63
CA ASP A 7 4.66 6.26 -3.77
C ASP A 7 4.21 6.36 -5.21
N GLU A 8 5.16 6.62 -6.11
CA GLU A 8 4.90 6.49 -7.53
C GLU A 8 4.75 5.01 -7.83
N LYS A 9 5.60 4.22 -7.20
CA LYS A 9 5.49 2.78 -7.24
C LYS A 9 4.25 2.33 -6.47
N CYS A 10 3.93 3.05 -5.39
CA CYS A 10 2.72 2.77 -4.64
C CYS A 10 1.49 2.94 -5.55
N ASN A 11 1.46 4.03 -6.30
CA ASN A 11 0.37 4.30 -7.23
C ASN A 11 0.34 3.22 -8.31
N LYS A 12 1.52 2.88 -8.80
CA LYS A 12 1.68 1.80 -9.78
C LYS A 12 1.12 0.49 -9.24
N LEU A 13 1.27 0.26 -7.94
CA LEU A 13 0.79 -0.95 -7.30
C LEU A 13 -0.62 -0.78 -6.74
N LYS A 14 -1.20 0.40 -7.00
CA LYS A 14 -2.59 0.69 -6.64
C LYS A 14 -2.78 0.74 -5.12
N GLY A 15 -1.77 1.25 -4.43
CA GLY A 15 -1.88 1.39 -2.99
C GLY A 15 -2.05 2.84 -2.58
N THR A 16 -2.74 3.06 -1.47
CA THR A 16 -2.98 4.40 -0.98
C THR A 16 -2.11 4.71 0.24
N CYS A 17 -1.50 5.88 0.22
CA CYS A 17 -0.65 6.30 1.31
C CYS A 17 -1.50 6.82 2.46
N LYS A 18 -1.32 6.24 3.62
CA LYS A 18 -2.07 6.63 4.80
C LYS A 18 -1.20 6.50 6.04
N ASN A 19 -1.68 7.00 7.16
CA ASN A 19 -0.90 6.96 8.39
C ASN A 19 -1.02 5.59 9.05
N ASN A 20 -2.25 5.08 9.12
CA ASN A 20 -2.50 3.76 9.70
C ASN A 20 -3.20 2.87 8.69
N CYS A 21 -2.76 1.62 8.60
CA CYS A 21 -3.26 0.71 7.57
C CYS A 21 -4.71 0.31 7.86
N GLY A 22 -5.50 0.22 6.80
CA GLY A 22 -6.90 -0.13 6.93
C GLY A 22 -7.13 -1.63 6.90
N LYS A 23 -8.36 -2.02 6.59
CA LYS A 23 -8.74 -3.43 6.56
C LYS A 23 -7.84 -4.24 5.63
N ASN A 24 -7.23 -5.28 6.20
CA ASN A 24 -6.42 -6.23 5.43
C ASN A 24 -5.36 -5.53 4.60
N GLU A 25 -4.63 -4.59 5.19
CA GLU A 25 -3.61 -3.87 4.45
C GLU A 25 -2.21 -4.24 4.92
N GLU A 26 -1.24 -3.98 4.06
CA GLU A 26 0.17 -4.22 4.36
C GLU A 26 0.97 -2.94 4.14
N LEU A 27 2.17 -2.89 4.71
CA LEU A 27 3.05 -1.74 4.52
C LEU A 27 4.02 -2.05 3.38
N ILE A 28 3.96 -1.24 2.34
CA ILE A 28 4.71 -1.55 1.12
C ILE A 28 5.82 -0.54 0.87
N ALA A 29 5.71 0.66 1.45
CA ALA A 29 6.68 1.71 1.19
C ALA A 29 6.45 2.92 2.08
N LEU A 30 7.42 3.79 2.08
CA LEU A 30 7.36 5.04 2.81
C LEU A 30 7.08 6.18 1.85
N CYS A 31 6.04 6.94 2.11
CA CYS A 31 5.65 8.04 1.25
C CYS A 31 6.22 9.34 1.78
N GLN A 32 6.29 10.34 0.92
CA GLN A 32 6.64 11.68 1.35
C GLN A 32 5.54 12.20 2.26
N LYS A 33 5.83 13.25 3.00
CA LYS A 33 4.91 13.79 4.00
C LYS A 33 4.80 12.82 5.19
N SER A 34 5.67 11.81 5.18
CA SER A 34 5.76 10.82 6.25
C SER A 34 4.59 9.83 6.25
N LEU A 35 3.86 9.76 5.14
CA LEU A 35 2.79 8.78 5.01
C LEU A 35 3.36 7.39 4.74
N LYS A 36 2.54 6.37 4.94
CA LYS A 36 2.95 4.99 4.70
C LYS A 36 2.10 4.39 3.58
N CYS A 37 2.75 3.76 2.62
CA CYS A 37 2.04 3.15 1.51
C CYS A 37 1.41 1.84 1.95
N CYS A 38 0.09 1.82 1.98
CA CYS A 38 -0.65 0.64 2.42
C CYS A 38 -1.51 0.12 1.29
N ARG A 39 -1.44 -1.19 1.05
CA ARG A 39 -2.23 -1.82 0.00
C ARG A 39 -3.27 -2.75 0.59
N THR A 40 -4.51 -2.62 0.13
CA THR A 40 -5.58 -3.48 0.58
C THR A 40 -5.50 -4.84 -0.09
N ILE A 41 -5.19 -5.85 0.71
CA ILE A 41 -5.06 -7.22 0.22
C ILE A 41 -6.42 -7.77 -0.18
N GLN A 42 -6.51 -8.20 -1.42
CA GLN A 42 -7.77 -8.75 -1.93
C GLN A 42 -7.68 -10.27 -2.02
N PRO A 43 -8.67 -10.98 -1.47
CA PRO A 43 -8.74 -12.43 -1.56
C PRO A 43 -8.88 -12.88 -3.00
N SER A 44 -8.02 -13.80 -3.43
CA SER A 44 -8.03 -14.34 -4.80
C SER A 44 -7.45 -13.30 -5.76
N GLY A 45 -6.98 -12.20 -5.21
CA GLY A 45 -6.34 -11.15 -5.99
C GLY A 45 -4.97 -11.56 -6.50
N SER A 46 -4.35 -10.69 -7.28
CA SER A 46 -3.06 -10.99 -7.89
C SER A 46 -1.93 -10.89 -6.86
N ILE A 47 -0.88 -11.69 -7.08
CA ILE A 47 0.32 -11.70 -6.24
C ILE A 47 0.07 -12.40 -4.91
N ILE A 48 -0.81 -11.83 -4.10
CA ILE A 48 -1.16 -12.41 -2.82
C ILE A 48 -2.54 -13.06 -2.92
N ASP A 49 -2.54 -14.37 -3.14
CA ASP A 49 -3.76 -15.13 -3.39
C ASP A 49 -4.60 -15.26 -2.12
#